data_2DVA
#
_entry.id   2DVA
#
_cell.length_a   126.59
_cell.length_b   124.62
_cell.length_c   75.78
_cell.angle_alpha   90.00
_cell.angle_beta   90.00
_cell.angle_gamma   90.00
#
_symmetry.space_group_name_H-M   'P 21 21 2'
#
loop_
_entity.id
_entity.type
_entity.pdbx_description
1 polymer 'Galactose-binding lectin'
2 branched 'beta-D-galactopyranose-(1-3)-methyl 2-acetamido-2-deoxy-alpha-D-galactopyranoside'
3 non-polymer 'CALCIUM ION'
4 non-polymer 'MANGANESE (II) ION'
5 non-polymer 'SULFATE ION'
6 water water
#
_entity_poly.entity_id   1
_entity_poly.type   'polypeptide(L)'
_entity_poly.pdbx_seq_one_letter_code
;AETVSFNFNSFSEGNPAINFQGDVTVLSNGNIQLTNLNKVNSVGRVLYAMPVRIWSSATGNVASFLTSFSFEMKDIKDYD
PADGIIFFIAPEDTQIPAGSIGGGTLGVSDTKGAGHFVGVEFDTYSNSEYNDPPTDHVGIDVNSVDSVKTVPWNSVSGAV
VKVTVIYDSSTKTLSVAVTNDNGDITTIAQVVDLKAKLPERVKFGFSASGSLGGRQIHLIRSWSFTSTLITTTRRS
;
_entity_poly.pdbx_strand_id   A,B,C,D
#
# COMPACT_ATOMS: atom_id res chain seq x y z
N ALA A 1 -4.13 -11.30 11.40
CA ALA A 1 -4.36 -11.41 9.93
C ALA A 1 -3.04 -11.64 9.20
N GLU A 2 -3.05 -12.60 8.29
CA GLU A 2 -1.86 -12.95 7.53
C GLU A 2 -2.10 -12.51 6.09
N THR A 3 -1.38 -11.49 5.67
CA THR A 3 -1.54 -10.93 4.34
C THR A 3 -0.34 -10.99 3.41
N VAL A 4 -0.64 -11.27 2.14
CA VAL A 4 0.38 -11.31 1.10
C VAL A 4 -0.09 -10.34 0.03
N SER A 5 0.73 -9.34 -0.27
CA SER A 5 0.34 -8.36 -1.28
C SER A 5 1.53 -7.83 -2.05
N PHE A 6 1.38 -7.76 -3.36
CA PHE A 6 2.43 -7.26 -4.22
C PHE A 6 1.80 -6.52 -5.38
N ASN A 7 2.64 -5.83 -6.16
CA ASN A 7 2.16 -5.08 -7.30
C ASN A 7 3.26 -4.89 -8.32
N PHE A 8 3.17 -5.67 -9.40
CA PHE A 8 4.13 -5.62 -10.50
C PHE A 8 3.58 -4.68 -11.56
N ASN A 9 4.22 -3.53 -11.73
CA ASN A 9 3.80 -2.56 -12.73
C ASN A 9 4.46 -2.97 -14.05
N SER A 10 5.55 -3.73 -13.93
CA SER A 10 6.32 -4.22 -15.06
C SER A 10 7.18 -5.35 -14.50
N PHE A 11 7.90 -6.04 -15.37
CA PHE A 11 8.73 -7.15 -14.93
C PHE A 11 10.17 -7.03 -15.40
N SER A 12 11.05 -7.86 -14.84
CA SER A 12 12.45 -7.86 -15.20
C SER A 12 13.09 -9.20 -14.91
N GLU A 13 13.85 -9.72 -15.86
CA GLU A 13 14.52 -10.99 -15.65
C GLU A 13 15.55 -10.73 -14.56
N GLY A 14 15.64 -11.65 -13.61
CA GLY A 14 16.57 -11.47 -12.52
C GLY A 14 15.81 -11.13 -11.25
N ASN A 15 14.54 -10.80 -11.40
CA ASN A 15 13.71 -10.47 -10.23
C ASN A 15 13.42 -11.76 -9.49
N PRO A 16 13.98 -11.92 -8.30
CA PRO A 16 13.78 -13.12 -7.47
C PRO A 16 12.33 -13.42 -7.10
N ALA A 17 11.45 -12.44 -7.23
CA ALA A 17 10.05 -12.64 -6.88
C ALA A 17 9.26 -13.38 -7.96
N ILE A 18 9.92 -13.70 -9.07
CA ILE A 18 9.25 -14.40 -10.17
C ILE A 18 9.95 -15.65 -10.68
N ASN A 19 9.22 -16.77 -10.69
CA ASN A 19 9.75 -18.04 -11.18
C ASN A 19 9.33 -18.16 -12.63
N PHE A 20 10.30 -18.35 -13.52
CA PHE A 20 10.01 -18.51 -14.95
C PHE A 20 10.09 -19.98 -15.32
N GLN A 21 9.07 -20.48 -16.01
CA GLN A 21 9.06 -21.87 -16.45
C GLN A 21 8.80 -21.96 -17.95
N GLY A 22 9.59 -22.77 -18.63
CA GLY A 22 9.40 -22.93 -20.07
C GLY A 22 9.95 -21.83 -20.95
N ASP A 23 9.22 -21.54 -22.03
CA ASP A 23 9.63 -20.56 -23.02
C ASP A 23 9.39 -19.09 -22.66
N VAL A 24 9.30 -18.79 -21.36
CA VAL A 24 9.05 -17.43 -20.93
C VAL A 24 10.21 -16.48 -21.19
N THR A 25 9.87 -15.27 -21.61
CA THR A 25 10.87 -14.24 -21.89
C THR A 25 10.37 -12.89 -21.39
N VAL A 26 11.29 -11.97 -21.13
CA VAL A 26 10.95 -10.62 -20.67
C VAL A 26 11.34 -9.64 -21.76
N LEU A 27 10.37 -8.85 -22.22
CA LEU A 27 10.62 -7.87 -23.26
C LEU A 27 11.27 -6.62 -22.67
N SER A 28 11.97 -5.86 -23.51
CA SER A 28 12.65 -4.65 -23.07
C SER A 28 11.68 -3.61 -22.51
N ASN A 29 10.40 -3.77 -22.79
CA ASN A 29 9.39 -2.84 -22.28
C ASN A 29 8.87 -3.27 -20.91
N GLY A 30 9.38 -4.39 -20.40
CA GLY A 30 8.94 -4.87 -19.10
C GLY A 30 7.87 -5.96 -19.18
N ASN A 31 7.26 -6.08 -20.35
CA ASN A 31 6.22 -7.09 -20.54
C ASN A 31 6.79 -8.48 -20.49
N ILE A 32 5.97 -9.43 -20.04
CA ILE A 32 6.39 -10.82 -20.01
C ILE A 32 5.73 -11.44 -21.22
N GLN A 33 6.49 -12.24 -21.97
CA GLN A 33 5.98 -12.93 -23.13
C GLN A 33 6.07 -14.40 -22.76
N LEU A 34 4.92 -15.07 -22.69
CA LEU A 34 4.87 -16.46 -22.28
C LEU A 34 5.30 -17.53 -23.29
N THR A 35 5.02 -17.35 -24.57
CA THR A 35 5.40 -18.37 -25.55
C THR A 35 6.44 -17.97 -26.59
N ASN A 36 7.14 -18.96 -27.12
CA ASN A 36 8.17 -18.78 -28.14
C ASN A 36 7.50 -18.95 -29.50
N LEU A 37 7.43 -17.88 -30.28
CA LEU A 37 6.78 -17.90 -31.58
C LEU A 37 7.37 -18.88 -32.60
N ASN A 38 8.59 -19.34 -32.35
CA ASN A 38 9.25 -20.26 -33.28
C ASN A 38 9.26 -21.73 -32.87
N LYS A 39 8.70 -22.03 -31.70
CA LYS A 39 8.66 -23.40 -31.19
C LYS A 39 7.32 -24.11 -31.33
N VAL A 40 7.36 -25.37 -31.76
CA VAL A 40 6.16 -26.18 -31.88
C VAL A 40 5.73 -26.52 -30.45
N ASN A 41 4.43 -26.46 -30.18
CA ASN A 41 3.91 -26.79 -28.85
C ASN A 41 4.58 -26.01 -27.74
N SER A 42 4.74 -24.70 -27.93
CA SER A 42 5.38 -23.88 -26.92
C SER A 42 4.57 -23.74 -25.63
N VAL A 43 5.26 -23.68 -24.51
CA VAL A 43 4.61 -23.50 -23.22
C VAL A 43 5.51 -22.62 -22.35
N GLY A 44 4.92 -21.56 -21.80
CA GLY A 44 5.65 -20.66 -20.93
C GLY A 44 4.75 -20.33 -19.76
N ARG A 45 5.32 -20.26 -18.56
CA ARG A 45 4.54 -19.95 -17.39
C ARG A 45 5.37 -19.08 -16.46
N VAL A 46 4.69 -18.25 -15.69
CA VAL A 46 5.35 -17.36 -14.76
C VAL A 46 4.62 -17.52 -13.44
N LEU A 47 5.38 -17.60 -12.35
CA LEU A 47 4.78 -17.76 -11.03
C LEU A 47 5.37 -16.79 -10.01
N TYR A 48 4.54 -16.35 -9.06
CA TYR A 48 5.02 -15.49 -8.01
C TYR A 48 5.87 -16.47 -7.18
N ALA A 49 7.18 -16.21 -7.10
CA ALA A 49 8.11 -17.08 -6.39
C ALA A 49 7.70 -17.59 -5.01
N MET A 50 7.12 -16.72 -4.19
CA MET A 50 6.72 -17.09 -2.84
C MET A 50 5.46 -17.97 -2.77
N PRO A 51 5.53 -19.07 -2.03
CA PRO A 51 4.32 -19.90 -1.94
C PRO A 51 3.33 -19.18 -1.05
N VAL A 52 2.05 -19.26 -1.40
CA VAL A 52 1.01 -18.60 -0.62
C VAL A 52 0.17 -19.61 0.15
N ARG A 53 0.01 -19.37 1.43
CA ARG A 53 -0.77 -20.22 2.31
C ARG A 53 -2.21 -19.78 2.21
N ILE A 54 -2.98 -20.43 1.34
CA ILE A 54 -4.38 -20.05 1.15
C ILE A 54 -5.37 -20.55 2.20
N TRP A 55 -4.98 -21.58 2.94
CA TRP A 55 -5.83 -22.08 4.02
C TRP A 55 -5.00 -22.77 5.09
N SER A 56 -5.48 -22.71 6.33
CA SER A 56 -4.78 -23.30 7.47
C SER A 56 -5.47 -24.56 7.98
N SER A 57 -4.69 -25.64 8.10
CA SER A 57 -5.22 -26.90 8.59
C SER A 57 -5.46 -26.80 10.10
N ALA A 58 -4.75 -25.88 10.74
CA ALA A 58 -4.88 -25.70 12.18
C ALA A 58 -6.13 -24.93 12.58
N THR A 59 -6.62 -24.06 11.70
CA THR A 59 -7.82 -23.27 11.99
C THR A 59 -8.97 -23.60 11.06
N GLY A 60 -8.66 -24.20 9.92
CA GLY A 60 -9.69 -24.53 8.96
C GLY A 60 -10.06 -23.30 8.14
N ASN A 61 -9.44 -22.17 8.45
CA ASN A 61 -9.69 -20.92 7.75
C ASN A 61 -9.14 -20.90 6.33
N VAL A 62 -9.82 -20.16 5.46
CA VAL A 62 -9.43 -20.01 4.08
C VAL A 62 -9.33 -18.53 3.76
N ALA A 63 -8.27 -18.15 3.05
CA ALA A 63 -8.05 -16.76 2.70
C ALA A 63 -8.93 -16.28 1.56
N SER A 64 -9.11 -14.96 1.52
CA SER A 64 -9.85 -14.30 0.46
C SER A 64 -8.74 -13.57 -0.29
N PHE A 65 -8.97 -13.25 -1.56
CA PHE A 65 -7.97 -12.49 -2.30
C PHE A 65 -8.56 -11.59 -3.36
N LEU A 66 -7.86 -10.49 -3.62
CA LEU A 66 -8.24 -9.53 -4.63
C LEU A 66 -7.00 -9.45 -5.48
N THR A 67 -7.18 -9.56 -6.80
CA THR A 67 -6.04 -9.50 -7.70
C THR A 67 -6.50 -8.96 -9.06
N SER A 68 -5.64 -8.19 -9.70
CA SER A 68 -5.98 -7.66 -11.00
C SER A 68 -4.74 -7.67 -11.85
N PHE A 69 -4.91 -7.90 -13.15
CA PHE A 69 -3.77 -7.94 -14.04
C PHE A 69 -4.21 -7.55 -15.44
N SER A 70 -3.25 -7.24 -16.30
CA SER A 70 -3.57 -6.87 -17.67
C SER A 70 -2.70 -7.68 -18.59
N PHE A 71 -3.27 -8.12 -19.71
CA PHE A 71 -2.53 -8.91 -20.67
C PHE A 71 -2.88 -8.50 -22.10
N GLU A 72 -2.15 -9.06 -23.05
CA GLU A 72 -2.39 -8.78 -24.44
C GLU A 72 -2.06 -9.98 -25.30
N MET A 73 -2.94 -10.29 -26.24
CA MET A 73 -2.69 -11.37 -27.17
C MET A 73 -2.71 -10.73 -28.54
N LYS A 74 -1.73 -11.06 -29.36
CA LYS A 74 -1.62 -10.46 -30.69
C LYS A 74 -1.35 -11.49 -31.78
N ASP A 75 -2.08 -11.36 -32.88
CA ASP A 75 -1.92 -12.26 -34.02
C ASP A 75 -0.55 -12.07 -34.67
N ILE A 76 -0.14 -13.07 -35.43
CA ILE A 76 1.11 -13.02 -36.16
C ILE A 76 0.83 -13.78 -37.46
N LYS A 77 1.65 -13.56 -38.47
CA LYS A 77 1.49 -14.29 -39.72
C LYS A 77 2.27 -15.56 -39.43
N ASP A 78 1.84 -16.72 -39.91
CA ASP A 78 0.63 -16.95 -40.71
C ASP A 78 -0.16 -17.94 -39.87
N TYR A 79 0.29 -18.10 -38.62
CA TYR A 79 -0.31 -19.02 -37.67
C TYR A 79 -1.71 -18.64 -37.20
N ASP A 80 -2.46 -19.66 -36.80
CA ASP A 80 -3.80 -19.49 -36.28
C ASP A 80 -3.61 -18.95 -34.85
N PRO A 81 -4.28 -17.84 -34.51
CA PRO A 81 -4.16 -17.22 -33.19
C PRO A 81 -4.62 -18.15 -32.06
N ALA A 82 -3.66 -18.84 -31.44
CA ALA A 82 -3.95 -19.78 -30.35
C ALA A 82 -2.76 -19.82 -29.40
N ASP A 83 -2.92 -20.35 -28.19
CA ASP A 83 -4.17 -20.93 -27.69
C ASP A 83 -4.87 -20.11 -26.60
N GLY A 84 -4.13 -19.23 -25.94
CA GLY A 84 -4.74 -18.43 -24.89
C GLY A 84 -3.89 -18.35 -23.63
N ILE A 85 -4.40 -17.63 -22.64
CA ILE A 85 -3.70 -17.43 -21.38
C ILE A 85 -4.56 -17.90 -20.20
N ILE A 86 -3.91 -18.48 -19.19
CA ILE A 86 -4.66 -18.90 -18.02
C ILE A 86 -3.99 -18.43 -16.73
N PHE A 87 -4.81 -17.81 -15.88
CA PHE A 87 -4.35 -17.34 -14.58
C PHE A 87 -4.66 -18.55 -13.70
N PHE A 88 -3.64 -19.15 -13.11
CA PHE A 88 -3.89 -20.35 -12.30
C PHE A 88 -3.30 -20.34 -10.90
N ILE A 89 -3.77 -21.30 -10.11
CA ILE A 89 -3.35 -21.51 -8.73
C ILE A 89 -3.07 -23.01 -8.65
N ALA A 90 -1.94 -23.37 -8.08
CA ALA A 90 -1.60 -24.79 -8.01
C ALA A 90 -0.60 -25.09 -6.89
N PRO A 91 -0.34 -26.40 -6.65
CA PRO A 91 0.61 -26.83 -5.61
C PRO A 91 1.90 -26.07 -5.80
N GLU A 92 2.55 -25.72 -4.69
CA GLU A 92 3.77 -24.94 -4.77
C GLU A 92 4.87 -25.55 -5.63
N ASP A 93 4.80 -26.86 -5.84
CA ASP A 93 5.81 -27.56 -6.64
C ASP A 93 5.36 -27.76 -8.08
N THR A 94 4.34 -27.02 -8.49
CA THR A 94 3.82 -27.14 -9.84
C THR A 94 4.87 -26.87 -10.91
N GLN A 95 4.86 -27.73 -11.93
CA GLN A 95 5.78 -27.63 -13.05
C GLN A 95 4.98 -27.85 -14.33
N ILE A 96 5.53 -27.43 -15.46
CA ILE A 96 4.87 -27.65 -16.73
C ILE A 96 4.70 -29.16 -16.85
N PRO A 97 3.51 -29.64 -17.24
CA PRO A 97 3.28 -31.09 -17.38
C PRO A 97 4.30 -31.76 -18.29
N ALA A 98 4.82 -32.91 -17.86
CA ALA A 98 5.80 -33.64 -18.66
C ALA A 98 5.24 -34.03 -20.02
N GLY A 99 6.06 -33.93 -21.06
CA GLY A 99 5.61 -34.28 -22.39
C GLY A 99 4.45 -33.42 -22.88
N SER A 100 4.28 -32.26 -22.25
CA SER A 100 3.21 -31.33 -22.61
C SER A 100 3.15 -31.05 -24.10
N ILE A 101 1.94 -31.18 -24.68
CA ILE A 101 1.74 -30.92 -26.09
C ILE A 101 1.30 -29.48 -26.28
N GLY A 102 1.23 -28.74 -25.17
CA GLY A 102 0.81 -27.35 -25.23
C GLY A 102 -0.57 -27.23 -25.80
N GLY A 103 -0.73 -26.40 -26.82
CA GLY A 103 -2.02 -26.23 -27.46
C GLY A 103 -3.16 -25.95 -26.49
N GLY A 104 -4.24 -26.70 -26.64
CA GLY A 104 -5.41 -26.51 -25.80
C GLY A 104 -5.23 -26.83 -24.32
N THR A 105 -4.11 -27.45 -23.96
CA THR A 105 -3.82 -27.78 -22.57
C THR A 105 -3.44 -26.52 -21.79
N LEU A 106 -3.20 -25.44 -22.52
CA LEU A 106 -2.81 -24.16 -21.93
C LEU A 106 -1.60 -24.26 -21.02
N GLY A 107 -0.86 -25.35 -21.14
CA GLY A 107 0.33 -25.54 -20.32
C GLY A 107 0.10 -25.95 -18.89
N VAL A 108 -1.14 -26.27 -18.51
CA VAL A 108 -1.41 -26.67 -17.13
C VAL A 108 -1.98 -28.08 -16.96
N SER A 109 -2.37 -28.72 -18.07
CA SER A 109 -2.94 -30.06 -18.01
C SER A 109 -2.23 -31.04 -18.92
N ASP A 110 -2.62 -32.31 -18.83
CA ASP A 110 -2.04 -33.35 -19.68
C ASP A 110 -2.87 -33.40 -20.97
N THR A 111 -2.55 -34.33 -21.85
CA THR A 111 -3.27 -34.46 -23.12
C THR A 111 -4.78 -34.60 -22.92
N LYS A 112 -5.18 -35.30 -21.86
CA LYS A 112 -6.60 -35.49 -21.59
C LYS A 112 -7.24 -34.21 -21.05
N GLY A 113 -6.43 -33.22 -20.74
CA GLY A 113 -6.94 -31.95 -20.23
C GLY A 113 -7.06 -31.88 -18.73
N ALA A 114 -6.47 -32.84 -18.04
CA ALA A 114 -6.54 -32.88 -16.58
C ALA A 114 -5.24 -32.41 -15.95
N GLY A 115 -5.36 -31.85 -14.75
CA GLY A 115 -4.19 -31.39 -14.03
C GLY A 115 -4.59 -31.05 -12.61
N HIS A 116 -3.67 -30.53 -11.84
CA HIS A 116 -3.97 -30.14 -10.48
C HIS A 116 -3.83 -28.63 -10.43
N PHE A 117 -4.96 -27.93 -10.50
CA PHE A 117 -4.93 -26.47 -10.49
C PHE A 117 -6.33 -25.91 -10.53
N VAL A 118 -6.43 -24.62 -10.24
CA VAL A 118 -7.69 -23.90 -10.31
C VAL A 118 -7.28 -22.66 -11.10
N GLY A 119 -8.02 -22.33 -12.15
CA GLY A 119 -7.65 -21.16 -12.91
C GLY A 119 -8.77 -20.47 -13.68
N VAL A 120 -8.44 -19.32 -14.25
CA VAL A 120 -9.37 -18.53 -15.04
C VAL A 120 -8.71 -18.45 -16.41
N GLU A 121 -9.31 -19.09 -17.40
CA GLU A 121 -8.73 -19.08 -18.73
C GLU A 121 -9.36 -18.08 -19.68
N PHE A 122 -8.54 -17.64 -20.64
CA PHE A 122 -8.92 -16.69 -21.67
C PHE A 122 -8.54 -17.46 -22.93
N ASP A 123 -9.48 -18.30 -23.33
CA ASP A 123 -9.34 -19.21 -24.45
C ASP A 123 -9.65 -18.65 -25.83
N THR A 124 -8.71 -18.76 -26.76
CA THR A 124 -8.91 -18.23 -28.11
C THR A 124 -9.01 -19.27 -29.23
N TYR A 125 -9.22 -20.54 -28.88
CA TYR A 125 -9.35 -21.59 -29.88
C TYR A 125 -10.30 -22.66 -29.36
N SER A 126 -11.21 -23.13 -30.20
CA SER A 126 -12.17 -24.14 -29.75
C SER A 126 -11.71 -25.59 -29.86
N ASN A 127 -11.20 -26.14 -28.77
CA ASN A 127 -10.76 -27.54 -28.73
C ASN A 127 -11.94 -28.43 -28.34
N SER A 128 -12.50 -29.11 -29.33
CA SER A 128 -13.64 -29.99 -29.09
C SER A 128 -13.27 -31.09 -28.10
N GLU A 129 -12.02 -31.54 -28.13
CA GLU A 129 -11.60 -32.61 -27.23
C GLU A 129 -11.68 -32.17 -25.76
N TYR A 130 -11.86 -30.87 -25.53
CA TYR A 130 -11.97 -30.35 -24.17
C TYR A 130 -13.34 -29.70 -23.97
N ASN A 131 -14.24 -29.98 -24.91
CA ASN A 131 -15.60 -29.46 -24.88
C ASN A 131 -15.71 -27.94 -24.85
N ASP A 132 -14.79 -27.25 -25.53
CA ASP A 132 -14.84 -25.78 -25.58
C ASP A 132 -16.08 -25.25 -26.28
N PRO A 133 -16.53 -24.06 -25.87
CA PRO A 133 -17.70 -23.46 -26.51
C PRO A 133 -17.23 -23.20 -27.94
N PRO A 134 -18.13 -22.81 -28.85
CA PRO A 134 -17.67 -22.57 -30.22
C PRO A 134 -16.82 -21.32 -30.47
N THR A 135 -16.91 -20.32 -29.61
CA THR A 135 -16.13 -19.09 -29.78
C THR A 135 -15.23 -18.77 -28.60
N ASP A 136 -14.41 -17.74 -28.75
CA ASP A 136 -13.51 -17.29 -27.69
C ASP A 136 -14.30 -17.24 -26.40
N HIS A 137 -13.63 -17.46 -25.27
CA HIS A 137 -14.34 -17.46 -24.01
C HIS A 137 -13.44 -17.36 -22.78
N VAL A 138 -14.05 -17.00 -21.66
CA VAL A 138 -13.37 -16.93 -20.38
C VAL A 138 -13.98 -18.12 -19.63
N GLY A 139 -13.14 -18.92 -19.00
CA GLY A 139 -13.66 -20.07 -18.28
C GLY A 139 -13.04 -20.23 -16.91
N ILE A 140 -13.77 -20.91 -16.03
CA ILE A 140 -13.27 -21.17 -14.68
C ILE A 140 -12.95 -22.64 -14.69
N ASP A 141 -11.68 -22.96 -14.48
CA ASP A 141 -11.23 -24.35 -14.51
C ASP A 141 -10.88 -24.91 -13.13
N VAL A 142 -11.23 -26.18 -12.91
CA VAL A 142 -10.93 -26.86 -11.67
C VAL A 142 -10.35 -28.22 -12.04
N ASN A 143 -9.02 -28.31 -11.98
CA ASN A 143 -8.29 -29.53 -12.31
C ASN A 143 -8.52 -30.02 -13.74
N SER A 144 -8.96 -29.13 -14.64
CA SER A 144 -9.21 -29.53 -16.02
C SER A 144 -9.46 -28.36 -16.96
N VAL A 145 -9.01 -28.49 -18.21
CA VAL A 145 -9.24 -27.43 -19.19
C VAL A 145 -10.64 -27.56 -19.78
N ASP A 146 -11.36 -28.58 -19.33
CA ASP A 146 -12.75 -28.78 -19.74
C ASP A 146 -13.43 -27.97 -18.65
N SER A 147 -13.59 -26.67 -18.91
CA SER A 147 -14.16 -25.73 -17.97
C SER A 147 -15.44 -26.12 -17.22
N VAL A 148 -15.45 -25.84 -15.93
CA VAL A 148 -16.62 -26.10 -15.12
C VAL A 148 -17.69 -25.13 -15.62
N LYS A 149 -17.24 -23.98 -16.14
CA LYS A 149 -18.16 -22.97 -16.63
C LYS A 149 -17.43 -21.98 -17.56
N THR A 150 -18.13 -21.51 -18.59
CA THR A 150 -17.53 -20.55 -19.52
C THR A 150 -18.52 -19.44 -19.87
N VAL A 151 -18.00 -18.36 -20.45
CA VAL A 151 -18.84 -17.25 -20.84
C VAL A 151 -18.28 -16.70 -22.15
N PRO A 152 -19.16 -16.40 -23.13
CA PRO A 152 -18.68 -15.88 -24.41
C PRO A 152 -17.83 -14.62 -24.23
N TRP A 153 -16.73 -14.58 -24.94
CA TRP A 153 -15.81 -13.46 -24.86
C TRP A 153 -15.19 -13.30 -26.25
N ASN A 154 -14.37 -12.27 -26.42
CA ASN A 154 -13.73 -12.04 -27.70
C ASN A 154 -12.33 -11.48 -27.51
N SER A 155 -11.34 -12.20 -28.05
CA SER A 155 -9.96 -11.77 -27.92
C SER A 155 -9.61 -10.89 -29.13
N VAL A 156 -9.36 -9.61 -28.86
CA VAL A 156 -9.02 -8.67 -29.92
C VAL A 156 -7.50 -8.56 -30.06
N SER A 157 -7.00 -8.94 -31.25
CA SER A 157 -5.57 -8.88 -31.52
C SER A 157 -5.00 -7.51 -31.17
N GLY A 158 -3.99 -7.50 -30.30
CA GLY A 158 -3.35 -6.24 -29.91
C GLY A 158 -4.06 -5.42 -28.85
N ALA A 159 -5.22 -5.87 -28.39
CA ALA A 159 -5.97 -5.12 -27.38
C ALA A 159 -5.47 -5.44 -25.97
N VAL A 160 -5.32 -4.40 -25.16
CA VAL A 160 -4.90 -4.58 -23.78
C VAL A 160 -6.16 -4.94 -23.01
N VAL A 161 -6.09 -6.02 -22.24
CA VAL A 161 -7.25 -6.44 -21.47
C VAL A 161 -6.95 -6.33 -19.98
N LYS A 162 -7.93 -5.85 -19.22
CA LYS A 162 -7.75 -5.69 -17.79
C LYS A 162 -8.68 -6.69 -17.11
N VAL A 163 -8.19 -7.33 -16.07
CA VAL A 163 -8.98 -8.31 -15.34
C VAL A 163 -8.89 -8.09 -13.84
N THR A 164 -10.02 -8.23 -13.17
CA THR A 164 -10.06 -8.09 -11.71
C THR A 164 -10.74 -9.35 -11.20
N VAL A 165 -10.11 -10.01 -10.23
CA VAL A 165 -10.64 -11.23 -9.66
C VAL A 165 -10.81 -11.10 -8.15
N ILE A 166 -11.92 -11.59 -7.64
CA ILE A 166 -12.20 -11.57 -6.20
C ILE A 166 -12.57 -12.97 -5.74
N TYR A 167 -11.89 -13.46 -4.72
CA TYR A 167 -12.25 -14.75 -4.16
C TYR A 167 -12.72 -14.50 -2.73
N ASP A 168 -14.00 -14.74 -2.48
CA ASP A 168 -14.54 -14.56 -1.14
C ASP A 168 -14.57 -15.94 -0.49
N SER A 169 -13.65 -16.17 0.44
CA SER A 169 -13.55 -17.48 1.09
C SER A 169 -14.82 -17.95 1.79
N SER A 170 -15.53 -17.04 2.45
CA SER A 170 -16.75 -17.43 3.14
C SER A 170 -17.75 -18.12 2.23
N THR A 171 -18.00 -17.54 1.06
CA THR A 171 -18.94 -18.14 0.12
C THR A 171 -18.23 -19.05 -0.87
N LYS A 172 -16.90 -19.01 -0.86
CA LYS A 172 -16.09 -19.79 -1.78
C LYS A 172 -16.38 -19.37 -3.22
N THR A 173 -16.78 -18.11 -3.38
CA THR A 173 -17.10 -17.60 -4.71
C THR A 173 -15.91 -16.94 -5.41
N LEU A 174 -15.62 -17.44 -6.60
CA LEU A 174 -14.54 -16.87 -7.42
C LEU A 174 -15.22 -16.07 -8.54
N SER A 175 -15.16 -14.74 -8.46
CA SER A 175 -15.79 -13.91 -9.49
C SER A 175 -14.75 -13.15 -10.31
N VAL A 176 -14.98 -13.12 -11.62
CA VAL A 176 -14.08 -12.48 -12.56
C VAL A 176 -14.75 -11.38 -13.38
N ALA A 177 -14.06 -10.25 -13.53
CA ALA A 177 -14.55 -9.13 -14.31
C ALA A 177 -13.50 -8.79 -15.37
N VAL A 178 -13.87 -8.90 -16.64
CA VAL A 178 -12.94 -8.61 -17.71
C VAL A 178 -13.35 -7.36 -18.50
N THR A 179 -12.46 -6.38 -18.55
CA THR A 179 -12.73 -5.14 -19.26
C THR A 179 -12.06 -5.19 -20.63
N ASN A 180 -12.88 -5.35 -21.66
CA ASN A 180 -12.42 -5.45 -23.04
C ASN A 180 -12.02 -4.16 -23.74
N ASP A 181 -11.82 -4.30 -25.04
CA ASP A 181 -11.42 -3.22 -25.94
C ASP A 181 -12.49 -2.15 -26.01
N ASN A 182 -13.64 -2.51 -26.55
CA ASN A 182 -14.77 -1.60 -26.70
C ASN A 182 -15.30 -1.05 -25.36
N GLY A 183 -14.60 -1.37 -24.27
CA GLY A 183 -15.02 -0.89 -22.97
C GLY A 183 -16.11 -1.70 -22.26
N ASP A 184 -16.61 -2.76 -22.90
CA ASP A 184 -17.64 -3.58 -22.27
C ASP A 184 -16.97 -4.49 -21.26
N ILE A 185 -17.72 -4.87 -20.22
CA ILE A 185 -17.15 -5.79 -19.25
C ILE A 185 -17.81 -7.13 -19.46
N THR A 186 -17.04 -8.17 -19.22
CA THR A 186 -17.53 -9.53 -19.33
C THR A 186 -17.26 -10.13 -17.95
N THR A 187 -18.24 -10.80 -17.37
CA THR A 187 -18.05 -11.39 -16.05
C THR A 187 -18.46 -12.86 -15.99
N ILE A 188 -17.86 -13.57 -15.04
CA ILE A 188 -18.15 -14.97 -14.80
C ILE A 188 -17.78 -15.26 -13.35
N ALA A 189 -18.62 -16.02 -12.66
CA ALA A 189 -18.38 -16.34 -11.26
C ALA A 189 -18.76 -17.78 -10.99
N GLN A 190 -17.98 -18.43 -10.13
CA GLN A 190 -18.22 -19.83 -9.82
C GLN A 190 -17.80 -20.14 -8.39
N VAL A 191 -18.63 -20.89 -7.69
CA VAL A 191 -18.31 -21.30 -6.34
C VAL A 191 -17.25 -22.39 -6.49
N VAL A 192 -16.07 -22.17 -5.90
CA VAL A 192 -14.98 -23.15 -5.96
C VAL A 192 -14.32 -23.23 -4.57
N ASP A 193 -14.33 -24.43 -3.98
CA ASP A 193 -13.74 -24.64 -2.65
C ASP A 193 -12.25 -24.88 -2.76
N LEU A 194 -11.45 -23.83 -2.69
CA LEU A 194 -10.00 -23.97 -2.81
C LEU A 194 -9.44 -24.93 -1.76
N LYS A 195 -10.00 -24.89 -0.57
CA LYS A 195 -9.57 -25.74 0.53
C LYS A 195 -9.71 -27.22 0.13
N ALA A 196 -10.82 -27.57 -0.49
CA ALA A 196 -11.05 -28.94 -0.92
C ALA A 196 -10.29 -29.33 -2.19
N LYS A 197 -9.92 -28.35 -3.01
CA LYS A 197 -9.25 -28.65 -4.27
C LYS A 197 -7.73 -28.46 -4.30
N LEU A 198 -7.22 -27.60 -3.42
CA LEU A 198 -5.78 -27.33 -3.41
C LEU A 198 -5.15 -27.57 -2.04
N PRO A 199 -3.82 -27.70 -2.01
CA PRO A 199 -3.14 -27.91 -0.73
C PRO A 199 -3.07 -26.56 0.00
N GLU A 200 -2.61 -26.56 1.24
CA GLU A 200 -2.50 -25.34 2.01
C GLU A 200 -1.56 -24.30 1.40
N ARG A 201 -0.45 -24.77 0.83
CA ARG A 201 0.49 -23.85 0.21
C ARG A 201 0.42 -24.02 -1.30
N VAL A 202 0.26 -22.89 -2.00
CA VAL A 202 0.16 -22.90 -3.45
C VAL A 202 0.94 -21.76 -4.07
N LYS A 203 0.95 -21.73 -5.40
CA LYS A 203 1.61 -20.65 -6.13
C LYS A 203 0.64 -20.13 -7.17
N PHE A 204 0.67 -18.82 -7.37
CA PHE A 204 -0.18 -18.16 -8.34
C PHE A 204 0.67 -17.75 -9.54
N GLY A 205 0.09 -17.77 -10.74
CA GLY A 205 0.84 -17.38 -11.91
C GLY A 205 0.03 -17.37 -13.20
N PHE A 206 0.74 -17.31 -14.32
CA PHE A 206 0.10 -17.30 -15.63
C PHE A 206 0.77 -18.31 -16.53
N SER A 207 -0.01 -18.93 -17.42
CA SER A 207 0.51 -19.91 -18.35
C SER A 207 -0.13 -19.69 -19.72
N ALA A 208 0.63 -19.95 -20.78
CA ALA A 208 0.15 -19.81 -22.15
C ALA A 208 0.86 -20.87 -23.01
N SER A 209 0.25 -21.23 -24.12
CA SER A 209 0.83 -22.25 -24.99
C SER A 209 0.35 -22.13 -26.42
N GLY A 210 0.97 -22.91 -27.30
CA GLY A 210 0.61 -22.92 -28.71
C GLY A 210 0.86 -24.31 -29.25
N SER A 211 0.57 -24.53 -30.53
CA SER A 211 0.79 -25.83 -31.14
C SER A 211 1.67 -25.64 -32.37
N LEU A 212 1.66 -26.60 -33.29
CA LEU A 212 2.47 -26.47 -34.50
C LEU A 212 1.92 -25.33 -35.35
N GLY A 213 0.60 -25.34 -35.54
CA GLY A 213 -0.03 -24.32 -36.36
C GLY A 213 -0.69 -23.19 -35.59
N GLY A 214 -0.94 -23.41 -34.30
CA GLY A 214 -1.58 -22.38 -33.49
C GLY A 214 -0.58 -21.62 -32.64
N ARG A 215 -0.32 -20.37 -33.01
CA ARG A 215 0.65 -19.56 -32.27
C ARG A 215 0.23 -18.10 -32.27
N GLN A 216 0.61 -17.39 -31.22
CA GLN A 216 0.30 -15.97 -31.10
C GLN A 216 1.10 -15.39 -29.96
N ILE A 217 1.17 -14.07 -29.92
CA ILE A 217 1.90 -13.39 -28.87
C ILE A 217 1.04 -13.35 -27.60
N HIS A 218 1.58 -13.85 -26.49
CA HIS A 218 0.88 -13.85 -25.21
C HIS A 218 1.70 -13.00 -24.25
N LEU A 219 1.16 -11.86 -23.86
CA LEU A 219 1.86 -10.95 -22.98
C LEU A 219 1.14 -10.67 -21.67
N ILE A 220 1.92 -10.61 -20.59
CA ILE A 220 1.39 -10.28 -19.27
C ILE A 220 2.05 -8.92 -19.05
N ARG A 221 1.23 -7.90 -18.81
CA ARG A 221 1.76 -6.54 -18.66
C ARG A 221 1.91 -6.03 -17.23
N SER A 222 0.99 -6.43 -16.36
CA SER A 222 1.04 -5.99 -14.96
C SER A 222 0.26 -6.96 -14.10
N TRP A 223 0.49 -6.90 -12.79
CA TRP A 223 -0.17 -7.81 -11.87
C TRP A 223 -0.07 -7.34 -10.42
N SER A 224 -1.22 -7.16 -9.77
CA SER A 224 -1.26 -6.76 -8.36
C SER A 224 -2.06 -7.84 -7.64
N PHE A 225 -1.74 -8.07 -6.37
CA PHE A 225 -2.40 -9.13 -5.64
C PHE A 225 -2.38 -8.89 -4.14
N THR A 226 -3.48 -9.25 -3.47
CA THR A 226 -3.57 -9.13 -2.03
C THR A 226 -4.43 -10.26 -1.52
N SER A 227 -3.88 -11.02 -0.59
CA SER A 227 -4.61 -12.12 0.01
C SER A 227 -4.51 -11.94 1.51
N THR A 228 -5.60 -12.23 2.21
CA THR A 228 -5.62 -12.10 3.65
C THR A 228 -6.25 -13.37 4.23
N LEU A 229 -5.56 -13.97 5.19
CA LEU A 229 -6.03 -15.16 5.87
C LEU A 229 -6.23 -14.80 7.32
N ILE A 230 -7.43 -14.96 7.84
CA ILE A 230 -7.70 -14.63 9.22
C ILE A 230 -6.96 -15.62 10.13
N THR A 231 -5.89 -15.15 10.76
CA THR A 231 -5.10 -16.00 11.65
C THR A 231 -5.50 -15.76 13.10
N THR A 232 -6.49 -16.53 13.56
CA THR A 232 -6.97 -16.41 14.92
C THR A 232 -8.16 -17.34 15.15
N ALA B 1 11.30 -0.27 -12.45
CA ALA B 1 11.74 -0.34 -11.02
C ALA B 1 11.32 -1.66 -10.38
N GLU B 2 12.26 -2.28 -9.67
CA GLU B 2 12.02 -3.56 -9.02
C GLU B 2 11.82 -3.29 -7.52
N THR B 3 10.60 -3.52 -7.03
CA THR B 3 10.30 -3.26 -5.63
C THR B 3 9.78 -4.43 -4.80
N VAL B 4 10.29 -4.50 -3.58
CA VAL B 4 9.88 -5.52 -2.63
C VAL B 4 9.32 -4.74 -1.45
N SER B 5 8.10 -5.05 -1.06
CA SER B 5 7.50 -4.36 0.06
C SER B 5 6.51 -5.29 0.76
N PHE B 6 6.41 -5.12 2.08
CA PHE B 6 5.50 -5.92 2.87
C PHE B 6 5.26 -5.22 4.21
N ASN B 7 4.29 -5.73 4.95
CA ASN B 7 3.95 -5.14 6.24
C ASN B 7 3.36 -6.18 7.17
N PHE B 8 4.13 -6.55 8.19
CA PHE B 8 3.68 -7.54 9.17
C PHE B 8 3.24 -6.80 10.43
N ASN B 9 1.95 -6.87 10.75
CA ASN B 9 1.42 -6.22 11.95
C ASN B 9 1.54 -7.22 13.07
N SER B 10 1.71 -8.48 12.70
CA SER B 10 1.86 -9.59 13.64
C SER B 10 2.38 -10.75 12.82
N PHE B 11 2.75 -11.83 13.49
CA PHE B 11 3.26 -12.99 12.77
C PHE B 11 2.53 -14.26 13.18
N SER B 12 2.73 -15.31 12.39
CA SER B 12 2.11 -16.59 12.66
C SER B 12 2.99 -17.70 12.15
N GLU B 13 3.15 -18.75 12.94
CA GLU B 13 3.97 -19.88 12.54
C GLU B 13 3.33 -20.51 11.31
N GLY B 14 4.14 -20.84 10.31
CA GLY B 14 3.60 -21.44 9.11
C GLY B 14 3.53 -20.51 7.92
N ASN B 15 3.70 -19.21 8.15
CA ASN B 15 3.67 -18.26 7.04
C ASN B 15 4.92 -18.50 6.20
N PRO B 16 4.74 -18.94 4.94
CA PRO B 16 5.88 -19.21 4.06
C PRO B 16 6.70 -17.97 3.68
N ALA B 17 6.25 -16.79 4.08
CA ALA B 17 6.97 -15.56 3.75
C ALA B 17 8.05 -15.28 4.80
N ILE B 18 8.16 -16.16 5.78
CA ILE B 18 9.16 -15.99 6.82
C ILE B 18 9.95 -17.26 7.09
N ASN B 19 11.26 -17.10 7.19
CA ASN B 19 12.18 -18.20 7.45
C ASN B 19 12.56 -18.18 8.92
N PHE B 20 12.28 -19.26 9.62
CA PHE B 20 12.63 -19.36 11.03
C PHE B 20 13.90 -20.18 11.20
N GLN B 21 14.85 -19.64 11.95
CA GLN B 21 16.11 -20.34 12.20
C GLN B 21 16.36 -20.39 13.71
N GLY B 22 16.81 -21.53 14.19
CA GLY B 22 17.11 -21.66 15.60
C GLY B 22 15.96 -21.74 16.57
N ASP B 23 16.12 -21.08 17.71
CA ASP B 23 15.14 -21.10 18.79
C ASP B 23 13.95 -20.13 18.72
N VAL B 24 13.64 -19.62 17.54
CA VAL B 24 12.52 -18.69 17.38
C VAL B 24 11.17 -19.39 17.52
N THR B 25 10.18 -18.67 18.07
CA THR B 25 8.82 -19.19 18.21
C THR B 25 7.84 -18.04 18.03
N VAL B 26 6.58 -18.37 17.78
CA VAL B 26 5.55 -17.36 17.61
C VAL B 26 4.63 -17.49 18.82
N LEU B 27 4.36 -16.38 19.49
CA LEU B 27 3.49 -16.40 20.66
C LEU B 27 2.05 -16.23 20.25
N SER B 28 1.14 -16.73 21.09
CA SER B 28 -0.29 -16.64 20.80
C SER B 28 -0.72 -15.22 20.46
N ASN B 29 0.01 -14.23 20.95
CA ASN B 29 -0.34 -12.84 20.69
C ASN B 29 0.18 -12.32 19.34
N GLY B 30 0.87 -13.17 18.58
CA GLY B 30 1.38 -12.76 17.29
C GLY B 30 2.82 -12.27 17.29
N ASN B 31 3.39 -12.10 18.48
CA ASN B 31 4.78 -11.66 18.62
C ASN B 31 5.74 -12.81 18.29
N ILE B 32 6.90 -12.46 17.75
CA ILE B 32 7.93 -13.44 17.46
C ILE B 32 8.92 -13.39 18.62
N GLN B 33 9.16 -14.52 19.26
CA GLN B 33 10.12 -14.59 20.37
C GLN B 33 11.36 -15.26 19.82
N LEU B 34 12.46 -14.51 19.77
CA LEU B 34 13.70 -15.03 19.21
C LEU B 34 14.51 -16.06 19.98
N THR B 35 14.65 -15.90 21.28
CA THR B 35 15.44 -16.86 22.05
C THR B 35 14.68 -17.77 22.99
N ASN B 36 15.25 -18.96 23.24
CA ASN B 36 14.68 -19.95 24.13
C ASN B 36 15.26 -19.65 25.52
N LEU B 37 14.38 -19.28 26.44
CA LEU B 37 14.79 -18.94 27.80
C LEU B 37 15.40 -20.09 28.60
N ASN B 38 15.26 -21.32 28.11
CA ASN B 38 15.80 -22.46 28.84
C ASN B 38 17.03 -23.11 28.22
N LYS B 39 17.51 -22.57 27.11
CA LYS B 39 18.68 -23.14 26.46
C LYS B 39 19.92 -22.28 26.62
N VAL B 40 21.07 -22.93 26.74
CA VAL B 40 22.35 -22.26 26.86
C VAL B 40 22.75 -21.75 25.48
N ASN B 41 23.31 -20.55 25.42
CA ASN B 41 23.76 -19.99 24.15
C ASN B 41 22.66 -20.01 23.08
N SER B 42 21.43 -19.72 23.52
CA SER B 42 20.30 -19.72 22.61
C SER B 42 20.47 -18.72 21.48
N VAL B 43 19.97 -19.09 20.30
CA VAL B 43 20.01 -18.23 19.13
C VAL B 43 18.77 -18.49 18.28
N GLY B 44 18.08 -17.42 17.93
CA GLY B 44 16.90 -17.53 17.10
C GLY B 44 16.98 -16.40 16.08
N ARG B 45 16.65 -16.69 14.82
CA ARG B 45 16.68 -15.67 13.80
C ARG B 45 15.44 -15.81 12.91
N VAL B 46 14.98 -14.70 12.38
CA VAL B 46 13.82 -14.70 11.52
C VAL B 46 14.21 -13.87 10.29
N LEU B 47 13.95 -14.40 9.10
CA LEU B 47 14.30 -13.71 7.87
C LEU B 47 13.09 -13.62 6.94
N TYR B 48 13.04 -12.55 6.14
CA TYR B 48 11.97 -12.45 5.16
C TYR B 48 12.40 -13.53 4.17
N ALA B 49 11.52 -14.48 3.90
CA ALA B 49 11.83 -15.61 3.03
C ALA B 49 12.25 -15.30 1.60
N MET B 50 11.81 -14.17 1.06
CA MET B 50 12.20 -13.85 -0.31
C MET B 50 13.46 -13.01 -0.39
N PRO B 51 14.44 -13.47 -1.19
CA PRO B 51 15.69 -12.72 -1.33
C PRO B 51 15.43 -11.39 -2.01
N VAL B 52 16.17 -10.38 -1.59
CA VAL B 52 16.03 -9.05 -2.14
C VAL B 52 17.27 -8.66 -2.95
N ARG B 53 17.06 -8.21 -4.17
CA ARG B 53 18.19 -7.76 -5.00
C ARG B 53 18.46 -6.33 -4.58
N ILE B 54 19.51 -6.13 -3.80
CA ILE B 54 19.86 -4.79 -3.34
C ILE B 54 20.73 -4.05 -4.36
N TRP B 55 21.33 -4.81 -5.27
CA TRP B 55 22.14 -4.22 -6.32
C TRP B 55 22.25 -5.17 -7.51
N SER B 56 22.57 -4.61 -8.68
CA SER B 56 22.69 -5.37 -9.91
C SER B 56 24.05 -5.24 -10.57
N SER B 57 24.71 -6.37 -10.81
CA SER B 57 26.02 -6.34 -11.46
C SER B 57 25.90 -5.86 -12.91
N ALA B 58 24.73 -6.07 -13.51
CA ALA B 58 24.52 -5.65 -14.89
C ALA B 58 24.46 -4.13 -15.03
N THR B 59 23.62 -3.47 -14.25
CA THR B 59 23.47 -2.02 -14.32
C THR B 59 24.37 -1.29 -13.32
N GLY B 60 24.71 -1.97 -12.24
CA GLY B 60 25.55 -1.38 -11.22
C GLY B 60 24.75 -0.56 -10.22
N ASN B 61 23.44 -0.48 -10.45
CA ASN B 61 22.54 0.28 -9.57
C ASN B 61 22.40 -0.38 -8.20
N VAL B 62 22.10 0.43 -7.20
CA VAL B 62 21.92 -0.06 -5.83
C VAL B 62 20.56 0.40 -5.30
N ALA B 63 19.86 -0.49 -4.61
CA ALA B 63 18.55 -0.17 -4.09
C ALA B 63 18.59 0.72 -2.86
N SER B 64 17.48 1.39 -2.62
CA SER B 64 17.31 2.23 -1.46
C SER B 64 16.20 1.54 -0.71
N PHE B 65 16.14 1.70 0.60
CA PHE B 65 15.05 1.07 1.33
C PHE B 65 14.62 1.85 2.57
N LEU B 66 13.37 1.62 2.95
CA LEU B 66 12.78 2.23 4.13
C LEU B 66 12.15 1.06 4.84
N THR B 67 12.39 0.96 6.13
CA THR B 67 11.84 -0.13 6.92
C THR B 67 11.63 0.36 8.34
N SER B 68 10.56 -0.13 8.97
CA SER B 68 10.25 0.23 10.35
C SER B 68 9.85 -1.05 11.05
N PHE B 69 10.23 -1.18 12.31
CA PHE B 69 9.86 -2.35 13.06
C PHE B 69 9.80 -1.97 14.52
N SER B 70 9.20 -2.82 15.34
CA SER B 70 9.12 -2.56 16.76
C SER B 70 9.46 -3.84 17.48
N PHE B 71 10.19 -3.70 18.58
CA PHE B 71 10.57 -4.86 19.35
C PHE B 71 10.44 -4.56 20.83
N GLU B 72 10.63 -5.59 21.64
CA GLU B 72 10.55 -5.46 23.08
C GLU B 72 11.50 -6.46 23.72
N MET B 73 12.27 -5.98 24.69
CA MET B 73 13.16 -6.85 25.44
C MET B 73 12.68 -6.77 26.89
N LYS B 74 12.50 -7.92 27.52
CA LYS B 74 12.02 -7.97 28.89
C LYS B 74 12.87 -8.86 29.80
N ASP B 75 13.22 -8.35 30.98
CA ASP B 75 14.03 -9.09 31.94
C ASP B 75 13.29 -10.33 32.45
N ILE B 76 14.05 -11.27 32.98
CA ILE B 76 13.51 -12.49 33.56
C ILE B 76 14.41 -12.84 34.73
N LYS B 77 13.88 -13.62 35.66
CA LYS B 77 14.62 -14.07 36.84
C LYS B 77 15.24 -15.42 36.46
N ASP B 78 16.48 -15.73 36.85
CA ASP B 78 17.38 -14.89 37.64
C ASP B 78 18.55 -14.56 36.72
N TYR B 79 18.32 -14.64 35.43
CA TYR B 79 19.36 -14.38 34.44
C TYR B 79 19.69 -12.91 34.21
N ASP B 80 20.92 -12.68 33.75
CA ASP B 80 21.41 -11.35 33.44
C ASP B 80 20.79 -10.98 32.07
N PRO B 81 20.09 -9.84 31.99
CA PRO B 81 19.44 -9.37 30.76
C PRO B 81 20.38 -9.18 29.56
N ALA B 82 20.45 -10.20 28.71
CA ALA B 82 21.30 -10.17 27.53
C ALA B 82 20.74 -11.14 26.48
N ASP B 83 21.23 -11.07 25.23
CA ASP B 83 22.28 -10.15 24.80
C ASP B 83 21.85 -9.00 23.92
N GLY B 84 20.66 -9.07 23.36
CA GLY B 84 20.18 -8.01 22.50
C GLY B 84 19.65 -8.49 21.17
N ILE B 85 19.24 -7.55 20.33
CA ILE B 85 18.68 -7.88 19.03
C ILE B 85 19.44 -7.16 17.93
N ILE B 86 19.54 -7.80 16.77
CA ILE B 86 20.19 -7.14 15.65
C ILE B 86 19.36 -7.32 14.39
N PHE B 87 19.12 -6.20 13.70
CA PHE B 87 18.40 -6.20 12.45
C PHE B 87 19.54 -6.35 11.45
N PHE B 88 19.50 -7.39 10.62
CA PHE B 88 20.62 -7.56 9.71
C PHE B 88 20.31 -7.91 8.27
N ILE B 89 21.36 -7.85 7.45
CA ILE B 89 21.29 -8.13 6.02
C ILE B 89 22.44 -9.08 5.72
N ALA B 90 22.18 -10.17 5.02
CA ALA B 90 23.24 -11.12 4.72
C ALA B 90 22.97 -11.89 3.44
N PRO B 91 23.96 -12.64 2.93
CA PRO B 91 23.75 -13.40 1.70
C PRO B 91 22.51 -14.29 1.88
N GLU B 92 21.79 -14.57 0.80
CA GLU B 92 20.58 -15.36 0.92
C GLU B 92 20.75 -16.79 1.43
N ASP B 93 21.99 -17.27 1.50
CA ASP B 93 22.24 -18.62 1.99
C ASP B 93 22.59 -18.58 3.48
N THR B 94 22.45 -17.41 4.08
CA THR B 94 22.79 -17.23 5.49
C THR B 94 22.10 -18.20 6.45
N GLN B 95 22.88 -18.68 7.42
CA GLN B 95 22.40 -19.59 8.44
C GLN B 95 23.08 -19.17 9.72
N ILE B 96 22.58 -19.63 10.86
CA ILE B 96 23.20 -19.31 12.13
C ILE B 96 24.60 -19.91 12.05
N PRO B 97 25.64 -19.14 12.40
CA PRO B 97 27.01 -19.65 12.35
C PRO B 97 27.15 -20.99 13.06
N ALA B 98 27.77 -21.95 12.41
CA ALA B 98 27.97 -23.27 12.99
C ALA B 98 28.69 -23.14 14.32
N GLY B 99 28.29 -23.95 15.29
CA GLY B 99 28.92 -23.88 16.61
C GLY B 99 28.75 -22.54 17.31
N SER B 100 27.71 -21.80 16.95
CA SER B 100 27.48 -20.49 17.56
C SER B 100 27.46 -20.54 19.08
N ILE B 101 28.16 -19.62 19.72
CA ILE B 101 28.17 -19.56 21.18
C ILE B 101 27.14 -18.53 21.63
N GLY B 102 26.40 -17.98 20.67
CA GLY B 102 25.39 -16.99 21.00
C GLY B 102 25.99 -15.79 21.70
N GLY B 103 25.49 -15.49 22.89
CA GLY B 103 26.00 -14.36 23.64
C GLY B 103 26.22 -13.10 22.84
N GLY B 104 27.39 -12.50 23.01
CA GLY B 104 27.72 -11.26 22.32
C GLY B 104 27.84 -11.33 20.81
N THR B 105 27.72 -12.52 20.23
CA THR B 105 27.82 -12.66 18.78
C THR B 105 26.48 -12.26 18.14
N LEU B 106 25.45 -12.18 18.97
CA LEU B 106 24.11 -11.79 18.54
C LEU B 106 23.54 -12.74 17.48
N GLY B 107 24.13 -13.94 17.40
CA GLY B 107 23.66 -14.93 16.44
C GLY B 107 24.05 -14.71 14.98
N VAL B 108 24.90 -13.72 14.71
CA VAL B 108 25.33 -13.44 13.33
C VAL B 108 26.82 -13.56 13.06
N SER B 109 27.63 -13.71 14.10
CA SER B 109 29.08 -13.80 13.91
C SER B 109 29.70 -15.01 14.60
N ASP B 110 31.01 -15.17 14.40
CA ASP B 110 31.72 -16.27 15.03
C ASP B 110 32.24 -15.81 16.39
N THR B 111 32.96 -16.67 17.09
CA THR B 111 33.47 -16.33 18.40
C THR B 111 34.31 -15.06 18.41
N LYS B 112 35.06 -14.83 17.33
CA LYS B 112 35.90 -13.63 17.24
C LYS B 112 35.04 -12.40 16.96
N GLY B 113 33.75 -12.61 16.66
CA GLY B 113 32.87 -11.50 16.39
C GLY B 113 32.80 -11.10 14.92
N ALA B 114 33.38 -11.91 14.05
CA ALA B 114 33.38 -11.63 12.61
C ALA B 114 32.29 -12.43 11.88
N GLY B 115 31.82 -11.89 10.76
CA GLY B 115 30.81 -12.56 9.96
C GLY B 115 30.60 -11.86 8.64
N HIS B 116 29.63 -12.34 7.85
CA HIS B 116 29.33 -11.71 6.56
C HIS B 116 27.92 -11.15 6.65
N PHE B 117 27.82 -9.87 6.99
CA PHE B 117 26.51 -9.23 7.15
C PHE B 117 26.68 -7.75 7.44
N VAL B 118 25.56 -7.04 7.37
CA VAL B 118 25.50 -5.62 7.68
C VAL B 118 24.30 -5.55 8.61
N GLY B 119 24.41 -4.81 9.71
CA GLY B 119 23.27 -4.74 10.60
C GLY B 119 23.25 -3.60 11.59
N VAL B 120 22.10 -3.45 12.25
CA VAL B 120 21.89 -2.43 13.26
C VAL B 120 21.59 -3.20 14.54
N GLU B 121 22.46 -3.08 15.53
CA GLU B 121 22.27 -3.81 16.76
C GLU B 121 21.74 -2.98 17.91
N PHE B 122 21.00 -3.63 18.78
CA PHE B 122 20.41 -3.05 19.98
C PHE B 122 20.99 -3.97 21.02
N ASP B 123 22.16 -3.56 21.47
CA ASP B 123 23.00 -4.28 22.40
C ASP B 123 22.78 -3.99 23.88
N THR B 124 22.42 -5.02 24.66
CA THR B 124 22.16 -4.83 26.09
C THR B 124 23.19 -5.42 27.06
N TYR B 125 24.40 -5.66 26.60
CA TYR B 125 25.45 -6.19 27.46
C TYR B 125 26.82 -5.78 26.93
N SER B 126 27.71 -5.34 27.81
CA SER B 126 29.02 -4.89 27.34
C SER B 126 30.10 -5.96 27.24
N ASN B 127 30.34 -6.45 26.02
CA ASN B 127 31.37 -7.47 25.78
C ASN B 127 32.69 -6.78 25.45
N SER B 128 33.65 -6.87 26.37
CA SER B 128 34.95 -6.25 26.14
C SER B 128 35.68 -6.90 24.97
N GLU B 129 35.41 -8.17 24.73
CA GLU B 129 36.07 -8.87 23.62
C GLU B 129 35.67 -8.34 22.25
N TYR B 130 34.58 -7.57 22.19
CA TYR B 130 34.13 -6.99 20.92
C TYR B 130 34.17 -5.47 21.00
N ASN B 131 34.93 -4.96 21.96
CA ASN B 131 35.09 -3.53 22.18
C ASN B 131 33.78 -2.75 22.33
N ASP B 132 32.80 -3.35 22.99
CA ASP B 132 31.53 -2.67 23.19
C ASP B 132 31.68 -1.46 24.09
N PRO B 133 30.78 -0.47 23.94
CA PRO B 133 30.82 0.73 24.77
C PRO B 133 30.43 0.21 26.16
N PRO B 134 30.65 1.01 27.21
CA PRO B 134 30.30 0.55 28.57
C PRO B 134 28.81 0.42 28.90
N THR B 135 27.93 1.06 28.13
CA THR B 135 26.50 0.97 28.40
C THR B 135 25.73 0.45 27.19
N ASP B 136 24.44 0.19 27.36
CA ASP B 136 23.60 -0.29 26.27
C ASP B 136 23.81 0.67 25.10
N HIS B 137 23.62 0.19 23.88
CA HIS B 137 23.85 1.05 22.74
C HIS B 137 23.24 0.51 21.47
N VAL B 138 23.18 1.38 20.47
CA VAL B 138 22.71 1.00 19.15
C VAL B 138 23.99 1.08 18.34
N GLY B 139 24.21 0.08 17.48
CA GLY B 139 25.43 0.10 16.69
C GLY B 139 25.22 -0.26 15.23
N ILE B 140 26.11 0.24 14.38
CA ILE B 140 26.07 -0.08 12.97
C ILE B 140 27.17 -1.11 12.81
N ASP B 141 26.80 -2.30 12.37
CA ASP B 141 27.75 -3.39 12.22
C ASP B 141 28.04 -3.77 10.77
N VAL B 142 29.33 -3.87 10.42
CA VAL B 142 29.71 -4.28 9.08
C VAL B 142 30.66 -5.46 9.18
N ASN B 143 30.11 -6.66 8.98
CA ASN B 143 30.89 -7.88 9.03
C ASN B 143 31.51 -8.15 10.40
N SER B 144 31.02 -7.48 11.44
CA SER B 144 31.57 -7.65 12.77
C SER B 144 30.66 -7.08 13.85
N VAL B 145 30.64 -7.71 15.03
CA VAL B 145 29.83 -7.19 16.11
C VAL B 145 30.65 -6.14 16.85
N ASP B 146 31.88 -5.92 16.37
CA ASP B 146 32.74 -4.87 16.92
C ASP B 146 32.28 -3.72 16.03
N SER B 147 31.19 -3.08 16.45
CA SER B 147 30.55 -2.01 15.69
C SER B 147 31.47 -0.97 15.07
N VAL B 148 31.11 -0.56 13.86
CA VAL B 148 31.86 0.47 13.15
C VAL B 148 31.55 1.79 13.84
N LYS B 149 30.41 1.83 14.52
CA LYS B 149 29.99 3.04 15.21
C LYS B 149 28.85 2.70 16.15
N THR B 150 28.78 3.40 17.28
CA THR B 150 27.72 3.16 18.25
C THR B 150 27.28 4.48 18.87
N VAL B 151 26.13 4.46 19.52
CA VAL B 151 25.59 5.63 20.20
C VAL B 151 24.91 5.13 21.48
N PRO B 152 25.09 5.85 22.59
CA PRO B 152 24.48 5.44 23.85
C PRO B 152 22.96 5.33 23.72
N TRP B 153 22.41 4.27 24.31
CA TRP B 153 20.99 4.02 24.25
C TRP B 153 20.65 3.14 25.44
N ASN B 154 19.43 3.28 25.96
CA ASN B 154 19.04 2.48 27.10
C ASN B 154 17.88 1.55 26.79
N SER B 155 18.07 0.26 27.04
CA SER B 155 17.03 -0.73 26.81
C SER B 155 16.22 -0.88 28.10
N VAL B 156 15.00 -0.35 28.09
CA VAL B 156 14.13 -0.45 29.27
C VAL B 156 13.35 -1.75 29.18
N SER B 157 13.44 -2.55 30.23
CA SER B 157 12.74 -3.83 30.28
C SER B 157 11.23 -3.68 30.14
N GLY B 158 10.66 -4.42 29.19
CA GLY B 158 9.22 -4.36 28.97
C GLY B 158 8.75 -3.22 28.09
N ALA B 159 9.67 -2.33 27.70
CA ALA B 159 9.30 -1.19 26.86
C ALA B 159 9.22 -1.55 25.39
N VAL B 160 8.28 -0.92 24.69
CA VAL B 160 8.14 -1.16 23.26
C VAL B 160 8.98 -0.12 22.53
N VAL B 161 9.90 -0.59 21.70
CA VAL B 161 10.77 0.29 20.95
C VAL B 161 10.37 0.31 19.48
N LYS B 162 10.31 1.50 18.91
CA LYS B 162 9.96 1.63 17.50
C LYS B 162 11.20 2.11 16.77
N VAL B 163 11.52 1.46 15.66
CA VAL B 163 12.70 1.80 14.88
C VAL B 163 12.35 2.12 13.42
N THR B 164 13.07 3.09 12.85
CA THR B 164 12.90 3.48 11.46
C THR B 164 14.28 3.55 10.81
N VAL B 165 14.46 2.83 9.71
CA VAL B 165 15.74 2.79 9.02
C VAL B 165 15.62 3.18 7.54
N ILE B 166 16.49 4.09 7.10
CA ILE B 166 16.50 4.54 5.72
C ILE B 166 17.88 4.31 5.11
N TYR B 167 17.93 3.60 4.00
CA TYR B 167 19.19 3.40 3.30
C TYR B 167 19.09 4.12 1.96
N ASP B 168 19.92 5.14 1.79
CA ASP B 168 19.95 5.94 0.57
C ASP B 168 21.10 5.43 -0.29
N SER B 169 20.79 4.72 -1.38
CA SER B 169 21.84 4.16 -2.22
C SER B 169 22.85 5.16 -2.80
N SER B 170 22.40 6.36 -3.17
CA SER B 170 23.31 7.33 -3.74
C SER B 170 24.44 7.74 -2.79
N THR B 171 24.10 8.11 -1.57
CA THR B 171 25.12 8.48 -0.60
C THR B 171 25.63 7.26 0.18
N LYS B 172 24.96 6.13 0.01
CA LYS B 172 25.31 4.89 0.71
C LYS B 172 25.16 5.08 2.22
N THR B 173 24.27 5.97 2.60
CA THR B 173 24.04 6.27 4.01
C THR B 173 22.97 5.39 4.64
N LEU B 174 23.32 4.74 5.75
CA LEU B 174 22.37 3.92 6.49
C LEU B 174 22.01 4.79 7.70
N SER B 175 20.76 5.23 7.75
CA SER B 175 20.32 6.09 8.84
C SER B 175 19.28 5.39 9.72
N VAL B 176 19.46 5.49 11.03
CA VAL B 176 18.58 4.84 11.99
C VAL B 176 17.99 5.81 13.02
N ALA B 177 16.68 5.71 13.24
CA ALA B 177 16.00 6.54 14.23
C ALA B 177 15.33 5.60 15.22
N VAL B 178 15.69 5.73 16.49
CA VAL B 178 15.12 4.87 17.53
C VAL B 178 14.27 5.67 18.50
N THR B 179 13.00 5.32 18.59
CA THR B 179 12.06 6.00 19.46
C THR B 179 11.86 5.27 20.77
N ASN B 180 12.47 5.83 21.81
CA ASN B 180 12.44 5.32 23.17
C ASN B 180 11.07 5.38 23.86
N ASP B 181 11.05 4.90 25.10
CA ASP B 181 9.85 4.85 25.92
C ASP B 181 9.49 6.24 26.44
N ASN B 182 10.51 6.98 26.88
CA ASN B 182 10.31 8.33 27.41
C ASN B 182 9.93 9.37 26.35
N GLY B 183 9.95 8.96 25.08
CA GLY B 183 9.60 9.89 24.01
C GLY B 183 10.80 10.48 23.27
N ASP B 184 11.99 10.29 23.82
CA ASP B 184 13.21 10.80 23.19
C ASP B 184 13.59 9.95 21.98
N ILE B 185 14.30 10.55 21.03
CA ILE B 185 14.75 9.81 19.87
C ILE B 185 16.26 9.70 19.94
N THR B 186 16.76 8.62 19.37
CA THR B 186 18.18 8.38 19.34
C THR B 186 18.45 8.03 17.88
N THR B 187 19.48 8.65 17.30
CA THR B 187 19.79 8.36 15.91
C THR B 187 21.27 8.03 15.71
N ILE B 188 21.55 7.31 14.63
CA ILE B 188 22.91 6.95 14.28
C ILE B 188 22.88 6.72 12.77
N ALA B 189 23.89 7.21 12.07
CA ALA B 189 23.96 7.03 10.62
C ALA B 189 25.40 6.73 10.27
N GLN B 190 25.58 5.94 9.22
CA GLN B 190 26.92 5.57 8.79
C GLN B 190 26.90 5.23 7.32
N VAL B 191 27.94 5.66 6.61
CA VAL B 191 28.03 5.34 5.19
C VAL B 191 28.44 3.88 5.14
N VAL B 192 27.62 3.06 4.47
CA VAL B 192 27.90 1.63 4.32
C VAL B 192 27.62 1.26 2.87
N ASP B 193 28.66 0.88 2.15
CA ASP B 193 28.52 0.50 0.74
C ASP B 193 28.06 -0.95 0.65
N LEU B 194 26.74 -1.18 0.61
CA LEU B 194 26.23 -2.53 0.53
C LEU B 194 26.71 -3.26 -0.73
N LYS B 195 26.88 -2.52 -1.82
CA LYS B 195 27.33 -3.13 -3.08
C LYS B 195 28.74 -3.69 -2.93
N ALA B 196 29.52 -3.12 -2.03
CA ALA B 196 30.88 -3.58 -1.80
C ALA B 196 31.00 -4.65 -0.72
N LYS B 197 30.04 -4.69 0.20
CA LYS B 197 30.06 -5.65 1.31
C LYS B 197 29.15 -6.87 1.18
N LEU B 198 28.11 -6.77 0.36
CA LEU B 198 27.18 -7.88 0.19
C LEU B 198 26.92 -8.27 -1.26
N PRO B 199 26.46 -9.52 -1.49
CA PRO B 199 26.18 -9.98 -2.84
C PRO B 199 24.92 -9.28 -3.37
N GLU B 200 24.62 -9.50 -4.64
CA GLU B 200 23.46 -8.88 -5.27
C GLU B 200 22.15 -9.26 -4.57
N ARG B 201 22.01 -10.52 -4.20
CA ARG B 201 20.80 -10.99 -3.53
C ARG B 201 21.10 -11.28 -2.07
N VAL B 202 20.23 -10.78 -1.19
CA VAL B 202 20.38 -10.95 0.24
C VAL B 202 19.04 -11.17 0.92
N LYS B 203 19.10 -11.43 2.23
CA LYS B 203 17.89 -11.59 3.04
C LYS B 203 17.96 -10.64 4.22
N PHE B 204 16.81 -10.12 4.62
CA PHE B 204 16.75 -9.21 5.75
C PHE B 204 16.08 -9.98 6.88
N GLY B 205 16.39 -9.60 8.11
CA GLY B 205 15.78 -10.28 9.24
C GLY B 205 16.28 -9.81 10.59
N PHE B 206 15.89 -10.53 11.64
CA PHE B 206 16.30 -10.19 12.99
C PHE B 206 16.91 -11.42 13.65
N SER B 207 17.87 -11.18 14.53
CA SER B 207 18.52 -12.25 15.27
C SER B 207 18.75 -11.76 16.69
N ALA B 208 18.72 -12.68 17.65
CA ALA B 208 18.96 -12.37 19.05
C ALA B 208 19.68 -13.58 19.63
N SER B 209 20.30 -13.41 20.79
CA SER B 209 21.03 -14.50 21.41
C SER B 209 21.17 -14.33 22.91
N GLY B 210 21.62 -15.40 23.56
CA GLY B 210 21.84 -15.38 25.00
C GLY B 210 23.01 -16.32 25.28
N SER B 211 23.41 -16.42 26.54
CA SER B 211 24.50 -17.32 26.91
C SER B 211 24.03 -18.20 28.05
N LEU B 212 24.94 -18.72 28.86
CA LEU B 212 24.53 -19.58 29.97
C LEU B 212 23.81 -18.74 31.03
N GLY B 213 24.43 -17.63 31.43
CA GLY B 213 23.85 -16.76 32.44
C GLY B 213 23.14 -15.52 31.91
N GLY B 214 23.30 -15.21 30.62
CA GLY B 214 22.66 -14.04 30.04
C GLY B 214 21.44 -14.46 29.23
N ARG B 215 20.25 -14.12 29.72
CA ARG B 215 19.02 -14.47 29.02
C ARG B 215 17.94 -13.42 29.26
N GLN B 216 17.12 -13.19 28.22
CA GLN B 216 16.03 -12.24 28.34
C GLN B 216 15.05 -12.51 27.23
N ILE B 217 13.87 -11.91 27.34
CA ILE B 217 12.86 -12.07 26.32
C ILE B 217 13.17 -11.10 25.18
N HIS B 218 13.25 -11.62 23.95
CA HIS B 218 13.53 -10.80 22.78
C HIS B 218 12.33 -10.97 21.85
N LEU B 219 11.52 -9.93 21.70
CA LEU B 219 10.34 -10.02 20.87
C LEU B 219 10.34 -9.07 19.68
N ILE B 220 9.89 -9.56 18.54
CA ILE B 220 9.76 -8.74 17.35
C ILE B 220 8.23 -8.63 17.24
N ARG B 221 7.72 -7.41 17.24
CA ARG B 221 6.28 -7.20 17.21
C ARG B 221 5.68 -6.86 15.86
N SER B 222 6.42 -6.07 15.07
CA SER B 222 5.94 -5.69 13.75
C SER B 222 7.11 -5.35 12.87
N TRP B 223 6.87 -5.34 11.55
CA TRP B 223 7.92 -5.05 10.59
C TRP B 223 7.35 -4.71 9.21
N SER B 224 7.60 -3.48 8.75
CA SER B 224 7.16 -3.04 7.43
C SER B 224 8.45 -2.79 6.67
N PHE B 225 8.43 -2.96 5.36
CA PHE B 225 9.64 -2.80 4.58
C PHE B 225 9.35 -2.53 3.11
N THR B 226 10.17 -1.68 2.50
CA THR B 226 10.04 -1.35 1.09
C THR B 226 11.41 -1.01 0.53
N SER B 227 11.85 -1.76 -0.47
CA SER B 227 13.12 -1.50 -1.11
C SER B 227 12.78 -1.32 -2.59
N THR B 228 13.56 -0.49 -3.28
CA THR B 228 13.32 -0.26 -4.70
C THR B 228 14.64 -0.15 -5.43
N LEU B 229 14.80 -0.99 -6.45
CA LEU B 229 16.00 -1.02 -7.27
C LEU B 229 15.65 -0.50 -8.65
N ILE B 230 16.38 0.52 -9.10
CA ILE B 230 16.13 1.07 -10.43
C ILE B 230 16.74 0.14 -11.46
N THR B 231 15.89 -0.33 -12.38
CA THR B 231 16.32 -1.24 -13.42
C THR B 231 16.53 -0.54 -14.76
N THR B 232 16.29 0.76 -14.81
CA THR B 232 16.46 1.52 -16.05
C THR B 232 17.70 2.42 -16.03
N ALA C 1 17.58 15.05 28.68
CA ALA C 1 17.67 15.71 27.34
C ALA C 1 16.47 16.61 27.09
N GLU C 2 16.57 17.45 26.06
CA GLU C 2 15.49 18.36 25.70
C GLU C 2 14.78 17.85 24.45
N THR C 3 13.55 17.36 24.64
CA THR C 3 12.79 16.80 23.53
C THR C 3 11.47 17.52 23.20
N VAL C 4 11.19 17.59 21.92
CA VAL C 4 9.96 18.19 21.42
C VAL C 4 9.32 17.16 20.50
N SER C 5 8.07 16.80 20.77
CA SER C 5 7.38 15.84 19.92
C SER C 5 5.89 16.13 19.87
N PHE C 6 5.31 15.91 18.71
CA PHE C 6 3.90 16.14 18.51
C PHE C 6 3.38 15.30 17.34
N ASN C 7 2.05 15.25 17.20
CA ASN C 7 1.43 14.50 16.13
C ASN C 7 0.08 15.11 15.75
N PHE C 8 -0.12 15.32 14.45
CA PHE C 8 -1.35 15.88 13.95
C PHE C 8 -2.03 14.90 13.00
N ASN C 9 -3.21 14.42 13.39
CA ASN C 9 -3.95 13.50 12.54
C ASN C 9 -4.85 14.34 11.65
N SER C 10 -5.13 15.56 12.12
CA SER C 10 -5.96 16.50 11.39
C SER C 10 -5.65 17.91 11.89
N PHE C 11 -5.96 18.90 11.08
CA PHE C 11 -5.68 20.29 11.47
C PHE C 11 -6.93 21.16 11.54
N SER C 12 -6.88 22.18 12.40
CA SER C 12 -7.97 23.12 12.53
C SER C 12 -7.36 24.51 12.64
N GLU C 13 -7.86 25.45 11.84
CA GLU C 13 -7.34 26.81 11.83
C GLU C 13 -7.61 27.55 13.15
N GLY C 14 -8.39 26.93 14.03
CA GLY C 14 -8.68 27.54 15.32
C GLY C 14 -7.82 26.96 16.41
N ASN C 15 -6.68 26.40 16.04
CA ASN C 15 -5.75 25.78 16.97
C ASN C 15 -4.48 26.63 17.09
N PRO C 16 -4.08 26.98 18.32
CA PRO C 16 -2.90 27.79 18.65
C PRO C 16 -1.56 27.14 18.28
N ALA C 17 -1.53 25.82 18.31
CA ALA C 17 -0.31 25.07 18.01
C ALA C 17 0.24 25.29 16.62
N ILE C 18 -0.50 26.02 15.77
CA ILE C 18 -0.03 26.23 14.42
C ILE C 18 -0.25 27.62 13.82
N ASN C 19 0.78 28.11 13.13
CA ASN C 19 0.74 29.41 12.48
C ASN C 19 0.36 29.27 11.02
N PHE C 20 -0.56 30.12 10.57
CA PHE C 20 -1.02 30.11 9.19
C PHE C 20 -0.52 31.37 8.50
N GLN C 21 -0.03 31.24 7.27
CA GLN C 21 0.47 32.39 6.53
C GLN C 21 0.02 32.34 5.08
N GLY C 22 -0.29 33.51 4.53
CA GLY C 22 -0.72 33.58 3.15
C GLY C 22 -2.13 33.06 2.90
N ASP C 23 -2.30 32.41 1.74
CA ASP C 23 -3.60 31.88 1.35
C ASP C 23 -3.96 30.53 1.93
N VAL C 24 -3.24 30.10 2.96
CA VAL C 24 -3.52 28.81 3.58
C VAL C 24 -4.92 28.74 4.16
N THR C 25 -5.51 27.55 4.07
CA THR C 25 -6.85 27.30 4.59
C THR C 25 -6.93 25.88 5.12
N VAL C 26 -7.88 25.62 6.00
CA VAL C 26 -8.07 24.28 6.55
C VAL C 26 -9.44 23.80 6.10
N LEU C 27 -9.47 22.67 5.39
CA LEU C 27 -10.72 22.12 4.87
C LEU C 27 -11.51 21.37 5.96
N SER C 28 -12.83 21.37 5.82
CA SER C 28 -13.70 20.71 6.79
C SER C 28 -13.25 19.27 7.06
N ASN C 29 -12.51 18.70 6.12
CA ASN C 29 -12.03 17.33 6.25
C ASN C 29 -10.70 17.29 7.02
N GLY C 30 -10.35 18.40 7.67
CA GLY C 30 -9.13 18.48 8.45
C GLY C 30 -7.84 18.74 7.70
N ASN C 31 -7.89 18.64 6.38
CA ASN C 31 -6.70 18.86 5.56
C ASN C 31 -6.29 20.31 5.39
N ILE C 32 -4.99 20.57 5.42
CA ILE C 32 -4.49 21.92 5.23
C ILE C 32 -4.29 22.12 3.72
N GLN C 33 -4.95 23.12 3.15
CA GLN C 33 -4.80 23.42 1.73
C GLN C 33 -3.97 24.69 1.66
N LEU C 34 -2.72 24.54 1.22
CA LEU C 34 -1.77 25.65 1.15
C LEU C 34 -2.06 26.77 0.15
N THR C 35 -2.35 26.44 -1.10
CA THR C 35 -2.62 27.50 -2.07
C THR C 35 -4.10 27.64 -2.40
N ASN C 36 -4.47 28.85 -2.84
CA ASN C 36 -5.84 29.13 -3.23
C ASN C 36 -5.88 28.95 -4.74
N LEU C 37 -6.74 28.07 -5.22
CA LEU C 37 -6.83 27.80 -6.66
C LEU C 37 -7.37 28.97 -7.48
N ASN C 38 -7.97 29.94 -6.80
CA ASN C 38 -8.55 31.09 -7.48
C ASN C 38 -7.71 32.36 -7.46
N LYS C 39 -6.46 32.26 -7.01
CA LYS C 39 -5.59 33.44 -6.97
C LYS C 39 -4.33 33.26 -7.80
N VAL C 40 -3.81 34.38 -8.31
CA VAL C 40 -2.60 34.37 -9.09
C VAL C 40 -1.43 34.36 -8.11
N ASN C 41 -0.31 33.78 -8.50
CA ASN C 41 0.87 33.71 -7.65
C ASN C 41 0.47 33.44 -6.20
N SER C 42 -0.42 32.47 -6.00
CA SER C 42 -0.86 32.12 -4.65
C SER C 42 0.28 31.52 -3.84
N VAL C 43 0.30 31.83 -2.55
CA VAL C 43 1.32 31.31 -1.67
C VAL C 43 0.71 31.06 -0.29
N GLY C 44 0.97 29.87 0.24
CA GLY C 44 0.46 29.51 1.54
C GLY C 44 1.49 28.69 2.29
N ARG C 45 1.60 28.94 3.59
CA ARG C 45 2.57 28.23 4.42
C ARG C 45 1.99 27.98 5.80
N VAL C 46 2.47 26.93 6.45
CA VAL C 46 2.00 26.60 7.79
C VAL C 46 3.23 26.34 8.65
N LEU C 47 3.19 26.73 9.92
CA LEU C 47 4.33 26.53 10.81
C LEU C 47 3.91 26.06 12.19
N TYR C 48 4.71 25.19 12.79
CA TYR C 48 4.42 24.74 14.14
C TYR C 48 4.70 25.99 14.97
N ALA C 49 3.67 26.50 15.64
CA ALA C 49 3.79 27.72 16.44
C ALA C 49 4.98 27.76 17.40
N MET C 50 5.25 26.66 18.09
CA MET C 50 6.34 26.62 19.04
C MET C 50 7.72 26.49 18.37
N PRO C 51 8.58 27.50 18.54
CA PRO C 51 9.90 27.40 17.92
C PRO C 51 10.70 26.27 18.58
N VAL C 52 11.41 25.50 17.78
CA VAL C 52 12.20 24.39 18.30
C VAL C 52 13.68 24.74 18.39
N ARG C 53 14.26 24.43 19.53
CA ARG C 53 15.67 24.68 19.76
C ARG C 53 16.44 23.51 19.13
N ILE C 54 17.10 23.75 17.99
CA ILE C 54 17.83 22.70 17.30
C ILE C 54 19.32 22.59 17.61
N TRP C 55 19.90 23.64 18.18
CA TRP C 55 21.30 23.59 18.58
C TRP C 55 21.58 24.59 19.70
N SER C 56 22.68 24.38 20.41
CA SER C 56 23.03 25.22 21.56
C SER C 56 24.34 26.00 21.45
N SER C 57 24.26 27.30 21.73
CA SER C 57 25.44 28.16 21.70
C SER C 57 26.27 27.97 22.98
N ALA C 58 25.69 27.26 23.96
CA ALA C 58 26.39 26.99 25.21
C ALA C 58 27.21 25.70 25.12
N THR C 59 26.63 24.65 24.54
CA THR C 59 27.33 23.36 24.43
C THR C 59 27.82 23.02 23.03
N GLY C 60 27.19 23.61 22.02
CA GLY C 60 27.58 23.31 20.65
C GLY C 60 26.84 22.08 20.16
N ASN C 61 26.01 21.48 21.01
CA ASN C 61 25.26 20.30 20.65
C ASN C 61 24.16 20.64 19.65
N VAL C 62 23.88 19.68 18.76
CA VAL C 62 22.85 19.84 17.74
C VAL C 62 21.85 18.69 17.89
N ALA C 63 20.58 18.98 17.68
CA ALA C 63 19.56 17.96 17.83
C ALA C 63 19.42 17.03 16.64
N SER C 64 18.85 15.87 16.91
CA SER C 64 18.56 14.89 15.88
C SER C 64 17.05 14.91 15.87
N PHE C 65 16.43 14.49 14.77
CA PHE C 65 14.99 14.45 14.74
C PHE C 65 14.47 13.47 13.72
N LEU C 66 13.25 13.02 13.99
CA LEU C 66 12.53 12.09 13.15
C LEU C 66 11.17 12.71 12.96
N THR C 67 10.77 12.88 11.71
CA THR C 67 9.48 13.46 11.43
C THR C 67 8.93 12.82 10.17
N SER C 68 7.63 12.58 10.15
CA SER C 68 7.00 12.01 8.98
C SER C 68 5.68 12.73 8.75
N PHE C 69 5.26 12.77 7.50
CA PHE C 69 4.03 13.44 7.15
C PHE C 69 3.47 12.88 5.85
N SER C 70 2.21 13.16 5.58
CA SER C 70 1.58 12.71 4.36
C SER C 70 0.94 13.92 3.74
N PHE C 71 1.00 13.99 2.42
CA PHE C 71 0.43 15.12 1.69
C PHE C 71 -0.27 14.62 0.43
N GLU C 72 -0.90 15.55 -0.28
CA GLU C 72 -1.59 15.22 -1.51
C GLU C 72 -1.63 16.40 -2.47
N MET C 73 -1.18 16.19 -3.70
CA MET C 73 -1.24 17.23 -4.72
C MET C 73 -2.23 16.69 -5.75
N LYS C 74 -3.01 17.57 -6.35
CA LYS C 74 -4.03 17.12 -7.30
C LYS C 74 -4.31 18.14 -8.40
N ASP C 75 -4.35 17.65 -9.64
CA ASP C 75 -4.59 18.50 -10.80
C ASP C 75 -5.98 19.16 -10.75
N ILE C 76 -6.15 20.20 -11.57
CA ILE C 76 -7.41 20.90 -11.69
C ILE C 76 -7.54 21.41 -13.12
N LYS C 77 -8.77 21.69 -13.53
CA LYS C 77 -9.04 22.21 -14.86
C LYS C 77 -9.08 23.74 -14.75
N ASP C 78 -8.36 24.45 -15.61
CA ASP C 78 -7.52 23.87 -16.66
C ASP C 78 -6.13 24.50 -16.51
N TYR C 79 -5.54 24.35 -15.33
CA TYR C 79 -4.23 24.91 -15.04
C TYR C 79 -3.12 23.87 -14.99
N ASP C 80 -1.89 24.36 -15.09
CA ASP C 80 -0.68 23.52 -15.02
C ASP C 80 -0.49 23.10 -13.59
N PRO C 81 -0.33 21.79 -13.32
CA PRO C 81 -0.12 21.28 -11.96
C PRO C 81 1.21 21.79 -11.39
N ALA C 82 1.15 22.91 -10.68
CA ALA C 82 2.35 23.51 -10.10
C ALA C 82 1.95 24.25 -8.82
N ASP C 83 2.92 24.59 -7.97
CA ASP C 83 4.33 24.34 -8.22
C ASP C 83 4.96 23.26 -7.35
N GLY C 84 4.32 22.96 -6.22
CA GLY C 84 4.85 21.93 -5.35
C GLY C 84 4.77 22.29 -3.88
N ILE C 85 5.21 21.36 -3.04
CA ILE C 85 5.20 21.56 -1.60
C ILE C 85 6.63 21.45 -1.08
N ILE C 86 6.94 22.22 -0.05
CA ILE C 86 8.26 22.14 0.55
C ILE C 86 8.14 22.11 2.06
N PHE C 87 8.79 21.13 2.66
CA PHE C 87 8.84 20.98 4.10
C PHE C 87 10.08 21.80 4.44
N PHE C 88 9.95 22.79 5.32
CA PHE C 88 11.12 23.60 5.63
C PHE C 88 11.35 23.96 7.09
N ILE C 89 12.59 24.37 7.35
CA ILE C 89 13.06 24.78 8.66
C ILE C 89 13.60 26.18 8.45
N ALA C 90 13.21 27.13 9.30
CA ALA C 90 13.65 28.49 9.14
C ALA C 90 13.67 29.27 10.44
N PRO C 91 14.28 30.47 10.44
CA PRO C 91 14.35 31.31 11.63
C PRO C 91 12.93 31.49 12.14
N GLU C 92 12.76 31.59 13.45
CA GLU C 92 11.43 31.71 14.03
C GLU C 92 10.59 32.90 13.57
N ASP C 93 11.23 33.91 13.01
CA ASP C 93 10.49 35.08 12.55
C ASP C 93 10.18 35.00 11.06
N THR C 94 10.37 33.82 10.48
CA THR C 94 10.12 33.64 9.06
C THR C 94 8.70 34.04 8.65
N GLN C 95 8.61 34.64 7.46
CA GLN C 95 7.35 35.11 6.89
C GLN C 95 7.46 34.95 5.39
N ILE C 96 6.32 35.03 4.70
CA ILE C 96 6.34 34.91 3.25
C ILE C 96 7.13 36.10 2.70
N PRO C 97 8.09 35.83 1.81
CA PRO C 97 8.91 36.89 1.21
C PRO C 97 8.07 38.04 0.67
N ALA C 98 8.49 39.27 0.94
CA ALA C 98 7.77 40.46 0.49
C ALA C 98 7.67 40.49 -1.04
N GLY C 99 6.46 40.70 -1.54
CA GLY C 99 6.26 40.74 -2.98
C GLY C 99 6.55 39.41 -3.65
N SER C 100 6.20 38.33 -2.96
CA SER C 100 6.43 36.98 -3.47
C SER C 100 5.69 36.71 -4.77
N ILE C 101 6.41 36.20 -5.77
CA ILE C 101 5.81 35.88 -7.05
C ILE C 101 5.33 34.42 -7.01
N GLY C 102 5.47 33.80 -5.85
CA GLY C 102 5.07 32.40 -5.69
C GLY C 102 5.74 31.57 -6.75
N GLY C 103 4.96 30.76 -7.46
CA GLY C 103 5.51 29.93 -8.51
C GLY C 103 6.65 29.05 -8.02
N GLY C 104 7.71 28.98 -8.81
CA GLY C 104 8.85 28.15 -8.49
C GLY C 104 9.61 28.52 -7.23
N THR C 105 9.17 29.57 -6.54
CA THR C 105 9.82 30.00 -5.32
C THR C 105 9.30 29.18 -4.16
N LEU C 106 8.27 28.38 -4.43
CA LEU C 106 7.65 27.54 -3.41
C LEU C 106 7.26 28.33 -2.17
N GLY C 107 7.24 29.66 -2.30
CA GLY C 107 6.86 30.51 -1.19
C GLY C 107 7.87 30.69 -0.08
N VAL C 108 9.14 30.38 -0.34
CA VAL C 108 10.16 30.51 0.69
C VAL C 108 11.36 31.35 0.26
N SER C 109 11.46 31.64 -1.03
CA SER C 109 12.59 32.41 -1.54
C SER C 109 12.20 33.64 -2.35
N ASP C 110 13.19 34.42 -2.74
CA ASP C 110 12.95 35.61 -3.55
C ASP C 110 12.94 35.20 -5.01
N THR C 111 12.71 36.16 -5.89
CA THR C 111 12.67 35.89 -7.32
C THR C 111 13.93 35.22 -7.81
N LYS C 112 15.07 35.60 -7.23
CA LYS C 112 16.34 35.01 -7.63
C LYS C 112 16.43 33.56 -7.16
N GLY C 113 15.54 33.18 -6.26
CA GLY C 113 15.51 31.82 -5.75
C GLY C 113 16.32 31.60 -4.49
N ALA C 114 16.56 32.69 -3.75
CA ALA C 114 17.32 32.63 -2.52
C ALA C 114 16.48 32.98 -1.29
N GLY C 115 16.89 32.46 -0.15
CA GLY C 115 16.19 32.72 1.10
C GLY C 115 16.92 32.07 2.26
N HIS C 116 16.42 32.27 3.47
CA HIS C 116 17.04 31.68 4.65
C HIS C 116 16.18 30.50 5.13
N PHE C 117 16.57 29.29 4.76
CA PHE C 117 15.82 28.11 5.14
C PHE C 117 16.49 26.86 4.61
N VAL C 118 16.16 25.74 5.24
CA VAL C 118 16.65 24.44 4.83
C VAL C 118 15.34 23.66 4.69
N GLY C 119 15.22 22.90 3.60
CA GLY C 119 13.99 22.15 3.40
C GLY C 119 14.04 21.05 2.36
N VAL C 120 12.97 20.27 2.33
CA VAL C 120 12.83 19.16 1.39
C VAL C 120 11.66 19.51 0.48
N GLU C 121 11.95 19.81 -0.78
CA GLU C 121 10.90 20.19 -1.71
C GLU C 121 10.42 19.04 -2.58
N PHE C 122 9.13 19.08 -2.90
CA PHE C 122 8.48 18.09 -3.74
C PHE C 122 8.00 18.91 -4.93
N ASP C 123 8.89 19.02 -5.90
CA ASP C 123 8.73 19.83 -7.10
C ASP C 123 8.00 19.23 -8.31
N THR C 124 6.89 19.85 -8.71
CA THR C 124 6.12 19.35 -9.85
C THR C 124 6.20 20.19 -11.15
N TYR C 125 7.19 21.07 -11.24
CA TYR C 125 7.37 21.89 -12.44
C TYR C 125 8.84 22.27 -12.62
N SER C 126 9.35 22.18 -13.83
CA SER C 126 10.76 22.48 -14.08
C SER C 126 11.08 23.94 -14.42
N ASN C 127 11.63 24.67 -13.44
CA ASN C 127 12.03 26.07 -13.66
C ASN C 127 13.50 26.07 -14.04
N SER C 128 13.79 26.50 -15.25
CA SER C 128 15.16 26.56 -15.74
C SER C 128 15.95 27.66 -15.03
N GLU C 129 15.25 28.66 -14.50
CA GLU C 129 15.92 29.76 -13.81
C GLU C 129 16.49 29.29 -12.47
N TYR C 130 16.04 28.14 -12.00
CA TYR C 130 16.55 27.59 -10.74
C TYR C 130 17.27 26.28 -10.98
N ASN C 131 17.66 26.06 -12.23
CA ASN C 131 18.37 24.86 -12.64
C ASN C 131 17.68 23.55 -12.29
N ASP C 132 16.35 23.54 -12.33
CA ASP C 132 15.58 22.33 -12.02
C ASP C 132 15.83 21.16 -12.97
N PRO C 133 15.66 19.94 -12.46
CA PRO C 133 15.85 18.74 -13.29
C PRO C 133 14.68 18.79 -14.29
N PRO C 134 14.78 18.07 -15.42
CA PRO C 134 13.70 18.07 -16.41
C PRO C 134 12.35 17.50 -15.98
N THR C 135 12.32 16.72 -14.90
CA THR C 135 11.06 16.11 -14.46
C THR C 135 10.71 16.46 -13.01
N ASP C 136 9.60 15.90 -12.52
CA ASP C 136 9.21 16.12 -11.14
C ASP C 136 10.37 15.58 -10.31
N HIS C 137 10.53 16.10 -9.10
CA HIS C 137 11.65 15.65 -8.29
C HIS C 137 11.54 16.06 -6.84
N VAL C 138 12.34 15.39 -6.01
CA VAL C 138 12.40 15.70 -4.60
C VAL C 138 13.78 16.34 -4.47
N GLY C 139 13.86 17.42 -3.72
CA GLY C 139 15.15 18.08 -3.55
C GLY C 139 15.46 18.52 -2.14
N ILE C 140 16.75 18.65 -1.83
CA ILE C 140 17.21 19.11 -0.53
C ILE C 140 17.66 20.54 -0.80
N ASP C 141 17.03 21.50 -0.13
CA ASP C 141 17.37 22.91 -0.33
C ASP C 141 18.03 23.54 0.88
N VAL C 142 19.08 24.32 0.62
CA VAL C 142 19.80 25.02 1.67
C VAL C 142 19.91 26.50 1.27
N ASN C 143 18.94 27.30 1.70
CA ASN C 143 18.88 28.72 1.40
C ASN C 143 18.70 29.04 -0.09
N SER C 144 18.08 28.12 -0.82
CA SER C 144 17.85 28.33 -2.25
C SER C 144 16.99 27.23 -2.85
N VAL C 145 16.14 27.61 -3.81
CA VAL C 145 15.28 26.64 -4.47
C VAL C 145 16.08 26.02 -5.61
N ASP C 146 17.34 26.41 -5.70
CA ASP C 146 18.25 25.83 -6.69
C ASP C 146 18.85 24.74 -5.80
N SER C 147 18.14 23.62 -5.71
CA SER C 147 18.53 22.49 -4.87
C SER C 147 19.99 22.09 -4.84
N VAL C 148 20.45 21.79 -3.63
CA VAL C 148 21.81 21.34 -3.42
C VAL C 148 21.87 19.97 -4.11
N LYS C 149 20.73 19.28 -4.13
CA LYS C 149 20.67 17.97 -4.72
C LYS C 149 19.22 17.59 -4.97
N THR C 150 18.99 16.80 -6.02
CA THR C 150 17.63 16.35 -6.33
C THR C 150 17.66 14.91 -6.81
N VAL C 151 16.48 14.29 -6.83
CA VAL C 151 16.33 12.93 -7.30
C VAL C 151 15.03 12.86 -8.09
N PRO C 152 15.02 12.13 -9.21
CA PRO C 152 13.82 12.02 -10.05
C PRO C 152 12.67 11.42 -9.25
N TRP C 153 11.51 12.04 -9.37
CA TRP C 153 10.32 11.60 -8.66
C TRP C 153 9.13 11.78 -9.59
N ASN C 154 7.95 11.43 -9.12
CA ASN C 154 6.74 11.55 -9.92
C ASN C 154 5.56 11.89 -9.03
N SER C 155 5.00 13.08 -9.24
CA SER C 155 3.86 13.53 -8.47
C SER C 155 2.59 13.00 -9.14
N VAL C 156 1.91 12.08 -8.45
CA VAL C 156 0.67 11.48 -8.93
C VAL C 156 -0.53 12.23 -8.37
N SER C 157 -1.33 12.80 -9.27
CA SER C 157 -2.51 13.57 -8.89
C SER C 157 -3.52 12.75 -8.08
N GLY C 158 -3.91 13.27 -6.92
CA GLY C 158 -4.86 12.59 -6.08
C GLY C 158 -4.30 11.51 -5.18
N ALA C 159 -3.04 11.17 -5.36
CA ALA C 159 -2.42 10.13 -4.54
C ALA C 159 -1.91 10.69 -3.22
N VAL C 160 -2.09 9.93 -2.15
CA VAL C 160 -1.61 10.34 -0.84
C VAL C 160 -0.17 9.85 -0.74
N VAL C 161 0.74 10.77 -0.43
CA VAL C 161 2.16 10.49 -0.31
C VAL C 161 2.66 10.58 1.13
N LYS C 162 3.43 9.58 1.56
CA LYS C 162 3.98 9.56 2.91
C LYS C 162 5.48 9.83 2.89
N VAL C 163 5.93 10.70 3.78
CA VAL C 163 7.34 11.04 3.84
C VAL C 163 7.96 10.83 5.22
N THR C 164 9.16 10.28 5.23
CA THR C 164 9.86 10.07 6.48
C THR C 164 11.21 10.75 6.40
N VAL C 165 11.51 11.57 7.39
CA VAL C 165 12.76 12.31 7.42
C VAL C 165 13.55 12.09 8.69
N ILE C 166 14.84 11.84 8.54
CA ILE C 166 15.71 11.63 9.68
C ILE C 166 16.89 12.57 9.61
N TYR C 167 17.12 13.32 10.68
CA TYR C 167 18.29 14.18 10.72
C TYR C 167 19.14 13.60 11.83
N ASP C 168 20.35 13.15 11.47
CA ASP C 168 21.29 12.60 12.44
C ASP C 168 22.31 13.71 12.64
N SER C 169 22.30 14.34 13.81
CA SER C 169 23.20 15.45 14.07
C SER C 169 24.68 15.11 14.05
N SER C 170 25.05 13.93 14.53
CA SER C 170 26.46 13.55 14.54
C SER C 170 27.08 13.60 13.15
N THR C 171 26.36 13.06 12.17
CA THR C 171 26.86 13.06 10.79
C THR C 171 26.30 14.25 10.01
N LYS C 172 25.40 15.00 10.64
CA LYS C 172 24.78 16.16 10.00
C LYS C 172 24.07 15.69 8.73
N THR C 173 23.60 14.45 8.75
CA THR C 173 22.92 13.89 7.58
C THR C 173 21.41 14.02 7.64
N LEU C 174 20.83 14.52 6.55
CA LEU C 174 19.39 14.66 6.43
C LEU C 174 18.96 13.65 5.37
N SER C 175 18.32 12.55 5.79
CA SER C 175 17.87 11.55 4.83
C SER C 175 16.36 11.56 4.71
N VAL C 176 15.88 11.36 3.49
CA VAL C 176 14.45 11.39 3.21
C VAL C 176 13.97 10.16 2.45
N ALA C 177 12.79 9.69 2.80
CA ALA C 177 12.18 8.53 2.16
C ALA C 177 10.75 8.91 1.79
N VAL C 178 10.42 8.77 0.51
CA VAL C 178 9.09 9.11 0.01
C VAL C 178 8.40 7.90 -0.60
N THR C 179 7.18 7.63 -0.16
CA THR C 179 6.41 6.49 -0.63
C THR C 179 5.45 6.80 -1.78
N ASN C 180 5.79 6.31 -2.96
CA ASN C 180 5.00 6.50 -4.19
C ASN C 180 3.71 5.68 -4.33
N ASP C 181 2.90 6.07 -5.31
CA ASP C 181 1.63 5.42 -5.60
C ASP C 181 1.83 4.02 -6.17
N ASN C 182 2.84 3.86 -7.03
CA ASN C 182 3.12 2.57 -7.64
C ASN C 182 3.78 1.62 -6.65
N GLY C 183 3.97 2.08 -5.41
CA GLY C 183 4.57 1.24 -4.39
C GLY C 183 6.04 1.50 -4.14
N ASP C 184 6.75 1.98 -5.15
CA ASP C 184 8.17 2.27 -5.02
C ASP C 184 8.46 3.35 -3.98
N ILE C 185 9.66 3.30 -3.41
CA ILE C 185 10.07 4.33 -2.47
C ILE C 185 11.23 5.06 -3.12
N THR C 186 11.31 6.35 -2.84
CA THR C 186 12.36 7.18 -3.37
C THR C 186 13.08 7.77 -2.17
N THR C 187 14.40 7.87 -2.24
CA THR C 187 15.17 8.43 -1.14
C THR C 187 16.19 9.43 -1.64
N ILE C 188 16.58 10.31 -0.74
CA ILE C 188 17.58 11.32 -1.02
C ILE C 188 18.14 11.74 0.34
N ALA C 189 19.46 11.85 0.42
CA ALA C 189 20.13 12.21 1.66
C ALA C 189 21.19 13.27 1.37
N GLN C 190 21.45 14.14 2.34
CA GLN C 190 22.44 15.19 2.17
C GLN C 190 22.99 15.69 3.49
N VAL C 191 24.30 15.89 3.54
CA VAL C 191 24.94 16.41 4.73
C VAL C 191 24.57 17.89 4.77
N VAL C 192 23.95 18.30 5.87
CA VAL C 192 23.55 19.69 6.03
C VAL C 192 23.86 20.10 7.46
N ASP C 193 24.74 21.11 7.60
CA ASP C 193 25.14 21.62 8.91
C ASP C 193 24.12 22.66 9.37
N LEU C 194 23.11 22.22 10.12
CA LEU C 194 22.06 23.11 10.60
C LEU C 194 22.58 24.23 11.50
N LYS C 195 23.60 23.93 12.28
CA LYS C 195 24.16 24.93 13.19
C LYS C 195 24.74 26.10 12.39
N ALA C 196 25.38 25.79 11.27
CA ALA C 196 25.98 26.82 10.42
C ALA C 196 24.98 27.54 9.53
N LYS C 197 23.87 26.88 9.18
CA LYS C 197 22.88 27.49 8.31
C LYS C 197 21.68 28.11 9.01
N LEU C 198 21.38 27.63 10.21
CA LEU C 198 20.21 28.13 10.94
C LEU C 198 20.52 28.57 12.36
N PRO C 199 19.64 29.40 12.93
CA PRO C 199 19.81 29.88 14.29
C PRO C 199 19.47 28.76 15.28
N GLU C 200 19.82 28.96 16.55
CA GLU C 200 19.56 27.98 17.59
C GLU C 200 18.09 27.60 17.67
N ARG C 201 17.22 28.60 17.54
CA ARG C 201 15.78 28.40 17.59
C ARG C 201 15.19 28.56 16.20
N VAL C 202 14.38 27.58 15.78
CA VAL C 202 13.78 27.62 14.46
C VAL C 202 12.33 27.17 14.49
N LYS C 203 11.68 27.28 13.35
CA LYS C 203 10.31 26.84 13.18
C LYS C 203 10.28 25.88 12.00
N PHE C 204 9.49 24.82 12.14
CA PHE C 204 9.33 23.81 11.09
C PHE C 204 7.95 24.01 10.49
N GLY C 205 7.81 23.74 9.20
CA GLY C 205 6.51 23.90 8.56
C GLY C 205 6.44 23.45 7.12
N PHE C 206 5.40 23.93 6.42
CA PHE C 206 5.19 23.59 5.02
C PHE C 206 4.79 24.83 4.22
N SER C 207 5.16 24.85 2.95
CA SER C 207 4.85 25.97 2.07
C SER C 207 4.59 25.44 0.67
N ALA C 208 3.74 26.13 -0.08
CA ALA C 208 3.41 25.75 -1.45
C ALA C 208 2.99 27.01 -2.19
N SER C 209 3.11 27.02 -3.52
CA SER C 209 2.74 28.20 -4.29
C SER C 209 2.33 27.86 -5.71
N GLY C 210 1.74 28.86 -6.37
CA GLY C 210 1.30 28.72 -7.74
C GLY C 210 1.61 30.00 -8.49
N SER C 211 1.40 29.99 -9.81
CA SER C 211 1.64 31.16 -10.64
C SER C 211 0.36 31.52 -11.37
N LEU C 212 0.48 32.23 -12.49
CA LEU C 212 -0.70 32.62 -13.26
C LEU C 212 -1.31 31.36 -13.88
N GLY C 213 -0.49 30.64 -14.63
CA GLY C 213 -0.96 29.42 -15.28
C GLY C 213 -0.63 28.14 -14.53
N GLY C 214 0.13 28.26 -13.43
CA GLY C 214 0.48 27.08 -12.67
C GLY C 214 -0.24 27.01 -11.34
N ARG C 215 -1.20 26.10 -11.22
CA ARG C 215 -1.96 25.94 -10.00
C ARG C 215 -2.36 24.47 -9.84
N GLN C 216 -2.50 24.04 -8.59
CA GLN C 216 -2.90 22.67 -8.28
C GLN C 216 -3.24 22.61 -6.80
N ILE C 217 -3.90 21.54 -6.38
CA ILE C 217 -4.28 21.37 -4.98
C ILE C 217 -3.08 20.89 -4.17
N HIS C 218 -2.77 21.61 -3.10
CA HIS C 218 -1.64 21.26 -2.22
C HIS C 218 -2.18 20.97 -0.82
N LEU C 219 -2.16 19.70 -0.42
CA LEU C 219 -2.68 19.33 0.89
C LEU C 219 -1.68 18.67 1.85
N ILE C 220 -1.78 19.05 3.13
CA ILE C 220 -0.93 18.45 4.16
C ILE C 220 -1.94 17.71 5.04
N ARG C 221 -1.91 16.38 4.97
CA ARG C 221 -2.87 15.55 5.71
C ARG C 221 -2.54 15.20 7.16
N SER C 222 -1.26 14.94 7.46
CA SER C 222 -0.89 14.59 8.82
C SER C 222 0.58 14.92 9.06
N TRP C 223 1.00 14.93 10.32
CA TRP C 223 2.38 15.28 10.64
C TRP C 223 2.81 14.90 12.06
N SER C 224 3.79 14.02 12.16
CA SER C 224 4.32 13.61 13.46
C SER C 224 5.76 14.10 13.49
N PHE C 225 6.26 14.44 14.66
CA PHE C 225 7.61 14.98 14.79
C PHE C 225 8.18 14.75 16.18
N THR C 226 9.48 14.46 16.23
CA THR C 226 10.16 14.26 17.50
C THR C 226 11.62 14.68 17.32
N SER C 227 12.08 15.59 18.17
CA SER C 227 13.46 16.05 18.13
C SER C 227 14.02 15.97 19.52
N THR C 228 15.29 15.61 19.64
CA THR C 228 15.94 15.51 20.93
C THR C 228 17.31 16.16 20.87
N LEU C 229 17.54 17.08 21.79
CA LEU C 229 18.80 17.79 21.90
C LEU C 229 19.42 17.42 23.24
N ILE C 230 20.67 16.96 23.19
CA ILE C 230 21.36 16.59 24.42
C ILE C 230 21.85 17.86 25.10
N THR C 231 21.57 17.97 26.39
CA THR C 231 21.98 19.14 27.15
C THR C 231 22.98 18.76 28.25
N THR C 232 24.14 18.23 27.86
CA THR C 232 25.15 17.84 28.84
C THR C 232 26.43 17.32 28.18
N ALA D 1 -24.57 -5.01 -27.11
CA ALA D 1 -24.28 -4.80 -25.66
C ALA D 1 -24.37 -3.32 -25.28
N GLU D 2 -25.23 -3.02 -24.33
CA GLU D 2 -25.44 -1.65 -23.87
C GLU D 2 -24.53 -1.37 -22.67
N THR D 3 -23.48 -0.59 -22.89
CA THR D 3 -22.53 -0.29 -21.82
C THR D 3 -22.54 1.14 -21.31
N VAL D 4 -22.55 1.28 -19.99
CA VAL D 4 -22.50 2.57 -19.33
C VAL D 4 -21.20 2.56 -18.54
N SER D 5 -20.33 3.52 -18.80
CA SER D 5 -19.07 3.59 -18.08
C SER D 5 -18.63 5.03 -17.88
N PHE D 6 -17.92 5.24 -16.78
CA PHE D 6 -17.43 6.56 -16.44
C PHE D 6 -16.35 6.47 -15.38
N ASN D 7 -15.75 7.61 -15.07
CA ASN D 7 -14.70 7.66 -14.07
C ASN D 7 -14.56 9.04 -13.48
N PHE D 8 -14.48 9.10 -12.16
CA PHE D 8 -14.34 10.37 -11.45
C PHE D 8 -13.08 10.31 -10.58
N ASN D 9 -12.09 11.14 -10.91
CA ASN D 9 -10.87 11.21 -10.12
C ASN D 9 -11.09 12.33 -9.12
N SER D 10 -12.03 13.20 -9.44
CA SER D 10 -12.38 14.33 -8.60
C SER D 10 -13.77 14.82 -8.98
N PHE D 11 -14.47 15.46 -8.04
CA PHE D 11 -15.81 15.95 -8.31
C PHE D 11 -15.90 17.47 -8.23
N SER D 12 -16.78 18.03 -9.06
CA SER D 12 -17.01 19.48 -9.07
C SER D 12 -18.50 19.70 -8.89
N GLU D 13 -18.87 20.38 -7.81
CA GLU D 13 -20.28 20.66 -7.50
C GLU D 13 -21.07 21.21 -8.69
N GLY D 14 -20.38 21.84 -9.63
CA GLY D 14 -21.06 22.39 -10.79
C GLY D 14 -21.27 21.42 -11.94
N ASN D 15 -20.89 20.15 -11.76
CA ASN D 15 -21.06 19.17 -12.81
C ASN D 15 -22.42 18.49 -12.69
N PRO D 16 -23.31 18.73 -13.66
CA PRO D 16 -24.66 18.15 -13.68
C PRO D 16 -24.70 16.63 -13.81
N ALA D 17 -23.57 16.03 -14.17
CA ALA D 17 -23.48 14.58 -14.33
C ALA D 17 -23.73 13.87 -13.00
N ILE D 18 -23.92 14.65 -11.95
CA ILE D 18 -24.15 14.10 -10.62
C ILE D 18 -25.26 14.84 -9.87
N ASN D 19 -26.15 14.09 -9.22
CA ASN D 19 -27.21 14.70 -8.43
C ASN D 19 -26.73 14.82 -6.99
N PHE D 20 -26.87 16.01 -6.44
CA PHE D 20 -26.47 16.27 -5.06
C PHE D 20 -27.74 16.39 -4.24
N GLN D 21 -27.91 15.48 -3.30
CA GLN D 21 -29.08 15.47 -2.47
C GLN D 21 -28.72 15.75 -1.01
N GLY D 22 -29.58 16.47 -0.31
CA GLY D 22 -29.33 16.74 1.09
C GLY D 22 -28.18 17.66 1.42
N ASP D 23 -27.45 17.31 2.48
CA ASP D 23 -26.34 18.10 2.97
C ASP D 23 -25.01 17.96 2.24
N VAL D 24 -24.98 17.13 1.21
CA VAL D 24 -23.74 16.92 0.46
C VAL D 24 -23.12 18.23 0.00
N THR D 25 -21.80 18.25 -0.01
CA THR D 25 -21.05 19.43 -0.43
C THR D 25 -19.81 18.90 -1.15
N VAL D 26 -19.20 19.73 -1.98
CA VAL D 26 -17.99 19.33 -2.69
C VAL D 26 -16.87 20.25 -2.23
N LEU D 27 -15.78 19.65 -1.74
CA LEU D 27 -14.63 20.41 -1.25
C LEU D 27 -13.70 20.92 -2.35
N SER D 28 -12.88 21.91 -2.02
CA SER D 28 -11.95 22.48 -3.00
C SER D 28 -10.90 21.47 -3.44
N ASN D 29 -10.81 20.36 -2.73
CA ASN D 29 -9.83 19.32 -3.10
C ASN D 29 -10.49 18.31 -4.03
N GLY D 30 -11.73 18.57 -4.42
CA GLY D 30 -12.45 17.68 -5.33
C GLY D 30 -13.21 16.56 -4.64
N ASN D 31 -13.05 16.42 -3.33
CA ASN D 31 -13.74 15.38 -2.56
C ASN D 31 -15.20 15.73 -2.30
N ILE D 32 -16.05 14.72 -2.27
CA ILE D 32 -17.44 14.94 -1.95
C ILE D 32 -17.57 14.66 -0.47
N GLN D 33 -18.09 15.63 0.28
CA GLN D 33 -18.30 15.44 1.70
C GLN D 33 -19.79 15.21 1.75
N LEU D 34 -20.19 14.04 2.25
CA LEU D 34 -21.59 13.69 2.30
C LEU D 34 -22.41 14.34 3.40
N THR D 35 -21.84 14.45 4.60
CA THR D 35 -22.59 15.05 5.69
C THR D 35 -22.09 16.40 6.19
N ASN D 36 -23.00 17.13 6.84
CA ASN D 36 -22.71 18.44 7.40
C ASN D 36 -22.38 18.21 8.88
N LEU D 37 -21.13 18.45 9.25
CA LEU D 37 -20.68 18.25 10.63
C LEU D 37 -21.44 19.12 11.64
N ASN D 38 -22.03 20.22 11.18
CA ASN D 38 -22.72 21.13 12.07
C ASN D 38 -24.24 21.01 12.12
N LYS D 39 -24.77 19.90 11.60
CA LYS D 39 -26.22 19.70 11.60
C LYS D 39 -26.63 18.40 12.27
N VAL D 40 -27.78 18.44 12.94
CA VAL D 40 -28.32 17.27 13.62
C VAL D 40 -28.99 16.36 12.57
N ASN D 41 -28.82 15.05 12.75
CA ASN D 41 -29.40 14.07 11.83
C ASN D 41 -29.11 14.43 10.38
N SER D 42 -27.87 14.77 10.08
CA SER D 42 -27.48 15.13 8.73
C SER D 42 -27.54 13.95 7.76
N VAL D 43 -27.89 14.25 6.51
CA VAL D 43 -27.96 13.23 5.47
C VAL D 43 -27.59 13.86 4.13
N GLY D 44 -26.63 13.24 3.45
CA GLY D 44 -26.21 13.74 2.16
C GLY D 44 -26.04 12.54 1.24
N ARG D 45 -26.44 12.69 -0.01
CA ARG D 45 -26.31 11.61 -0.97
C ARG D 45 -25.88 12.15 -2.33
N VAL D 46 -25.25 11.30 -3.11
CA VAL D 46 -24.81 11.67 -4.44
C VAL D 46 -25.21 10.54 -5.39
N LEU D 47 -25.70 10.91 -6.57
CA LEU D 47 -26.12 9.92 -7.54
C LEU D 47 -25.60 10.25 -8.93
N TYR D 48 -25.20 9.23 -9.68
CA TYR D 48 -24.74 9.45 -11.04
C TYR D 48 -26.06 9.85 -11.72
N ALA D 49 -26.11 11.06 -12.28
CA ALA D 49 -27.31 11.60 -12.91
C ALA D 49 -28.02 10.68 -13.91
N MET D 50 -27.27 10.08 -14.82
CA MET D 50 -27.85 9.21 -15.83
C MET D 50 -28.36 7.89 -15.25
N PRO D 51 -29.64 7.57 -15.46
CA PRO D 51 -30.13 6.31 -14.91
C PRO D 51 -29.50 5.17 -15.71
N VAL D 52 -29.20 4.05 -15.03
CA VAL D 52 -28.60 2.91 -15.70
C VAL D 52 -29.61 1.79 -15.83
N ARG D 53 -29.72 1.23 -17.02
CA ARG D 53 -30.65 0.14 -17.28
C ARG D 53 -29.96 -1.15 -16.83
N ILE D 54 -30.41 -1.73 -15.72
CA ILE D 54 -29.80 -2.95 -15.21
C ILE D 54 -30.43 -4.24 -15.74
N TRP D 55 -31.59 -4.10 -16.37
CA TRP D 55 -32.25 -5.27 -16.96
C TRP D 55 -33.27 -4.88 -18.02
N SER D 56 -33.46 -5.77 -18.99
CA SER D 56 -34.38 -5.53 -20.09
C SER D 56 -35.68 -6.28 -19.92
N SER D 57 -36.79 -5.60 -20.15
CA SER D 57 -38.11 -6.21 -20.03
C SER D 57 -38.43 -6.94 -21.33
N ALA D 58 -37.57 -6.77 -22.32
CA ALA D 58 -37.76 -7.41 -23.61
C ALA D 58 -37.06 -8.76 -23.63
N THR D 59 -35.78 -8.76 -23.26
CA THR D 59 -34.98 -9.98 -23.26
C THR D 59 -34.99 -10.74 -21.94
N GLY D 60 -35.12 -10.00 -20.85
CA GLY D 60 -35.12 -10.63 -19.54
C GLY D 60 -33.70 -10.65 -18.99
N ASN D 61 -32.77 -10.13 -19.78
CA ASN D 61 -31.36 -10.06 -19.41
C ASN D 61 -31.07 -9.07 -18.29
N VAL D 62 -30.04 -9.38 -17.51
CA VAL D 62 -29.62 -8.53 -16.41
C VAL D 62 -28.17 -8.16 -16.68
N ALA D 63 -27.80 -6.94 -16.35
CA ALA D 63 -26.44 -6.49 -16.59
C ALA D 63 -25.48 -6.94 -15.50
N SER D 64 -24.20 -6.90 -15.86
CA SER D 64 -23.13 -7.21 -14.94
C SER D 64 -22.45 -5.86 -14.78
N PHE D 65 -21.78 -5.65 -13.65
CA PHE D 65 -21.08 -4.40 -13.50
C PHE D 65 -19.84 -4.58 -12.66
N LEU D 66 -18.90 -3.66 -12.83
CA LEU D 66 -17.63 -3.64 -12.12
C LEU D 66 -17.46 -2.19 -11.71
N THR D 67 -17.25 -1.95 -10.43
CA THR D 67 -17.09 -0.58 -10.01
C THR D 67 -16.09 -0.51 -8.87
N SER D 68 -15.31 0.57 -8.85
CA SER D 68 -14.32 0.79 -7.81
C SER D 68 -14.44 2.23 -7.34
N PHE D 69 -14.19 2.45 -6.06
CA PHE D 69 -14.26 3.78 -5.50
C PHE D 69 -13.40 3.84 -4.26
N SER D 70 -13.15 5.05 -3.78
CA SER D 70 -12.35 5.26 -2.60
C SER D 70 -13.03 6.31 -1.76
N PHE D 71 -13.08 6.07 -0.46
CA PHE D 71 -13.69 6.98 0.46
C PHE D 71 -12.77 7.17 1.64
N GLU D 72 -13.17 8.02 2.55
CA GLU D 72 -12.39 8.28 3.74
C GLU D 72 -13.34 8.75 4.83
N MET D 73 -13.18 8.18 6.03
CA MET D 73 -13.99 8.59 7.15
C MET D 73 -12.99 9.02 8.22
N LYS D 74 -13.28 10.14 8.87
CA LYS D 74 -12.38 10.69 9.88
C LYS D 74 -13.16 11.19 11.08
N ASP D 75 -12.68 10.88 12.28
CA ASP D 75 -13.34 11.31 13.51
C ASP D 75 -13.24 12.81 13.70
N ILE D 76 -14.18 13.36 14.45
CA ILE D 76 -14.18 14.78 14.75
C ILE D 76 -14.48 14.98 16.23
N LYS D 77 -13.88 16.01 16.81
CA LYS D 77 -14.09 16.36 18.21
C LYS D 77 -15.33 17.24 18.23
N ASP D 78 -16.29 16.99 19.12
CA ASP D 78 -16.28 15.91 20.11
C ASP D 78 -17.51 15.07 19.85
N TYR D 79 -17.50 14.31 18.75
CA TYR D 79 -18.65 13.49 18.41
C TYR D 79 -18.31 12.04 18.16
N ASP D 80 -19.28 11.18 18.42
CA ASP D 80 -19.14 9.75 18.23
C ASP D 80 -19.05 9.49 16.72
N PRO D 81 -17.98 8.82 16.26
CA PRO D 81 -17.76 8.51 14.84
C PRO D 81 -18.89 7.68 14.23
N ALA D 82 -19.83 8.36 13.59
CA ALA D 82 -20.97 7.69 12.97
C ALA D 82 -21.48 8.54 11.80
N ASP D 83 -22.33 7.96 10.93
CA ASP D 83 -22.81 6.59 11.03
C ASP D 83 -22.25 5.63 9.99
N GLY D 84 -21.59 6.16 8.96
CA GLY D 84 -21.04 5.32 7.93
C GLY D 84 -21.50 5.73 6.55
N ILE D 85 -20.98 5.05 5.54
CA ILE D 85 -21.31 5.32 4.15
C ILE D 85 -21.89 4.07 3.49
N ILE D 86 -22.85 4.27 2.58
CA ILE D 86 -23.41 3.14 1.88
C ILE D 86 -23.40 3.41 0.38
N PHE D 87 -22.95 2.42 -0.38
CA PHE D 87 -22.93 2.52 -1.83
C PHE D 87 -24.23 1.85 -2.20
N PHE D 88 -25.13 2.59 -2.84
CA PHE D 88 -26.44 2.03 -3.16
C PHE D 88 -26.95 2.16 -4.59
N ILE D 89 -27.96 1.36 -4.89
CA ILE D 89 -28.61 1.31 -6.19
C ILE D 89 -30.09 1.48 -5.85
N ALA D 90 -30.82 2.26 -6.61
CA ALA D 90 -32.23 2.47 -6.30
C ALA D 90 -33.05 3.02 -7.47
N PRO D 91 -34.38 3.08 -7.32
CA PRO D 91 -35.25 3.60 -8.39
C PRO D 91 -34.71 4.97 -8.82
N GLU D 92 -34.85 5.30 -10.10
CA GLU D 92 -34.35 6.56 -10.59
C GLU D 92 -34.94 7.80 -9.91
N ASP D 93 -36.08 7.65 -9.25
CA ASP D 93 -36.71 8.78 -8.56
C ASP D 93 -36.33 8.82 -7.08
N THR D 94 -35.37 8.00 -6.68
CA THR D 94 -34.95 7.93 -5.28
C THR D 94 -34.54 9.28 -4.69
N GLN D 95 -34.96 9.52 -3.45
CA GLN D 95 -34.65 10.75 -2.75
C GLN D 95 -34.46 10.39 -1.28
N ILE D 96 -33.85 11.28 -0.51
CA ILE D 96 -33.66 11.05 0.91
C ILE D 96 -35.05 10.82 1.49
N PRO D 97 -35.22 9.77 2.31
CA PRO D 97 -36.55 9.52 2.90
C PRO D 97 -37.12 10.74 3.63
N ALA D 98 -38.42 10.93 3.50
CA ALA D 98 -39.12 12.04 4.13
C ALA D 98 -39.00 12.00 5.64
N GLY D 99 -38.62 13.12 6.25
CA GLY D 99 -38.48 13.17 7.70
C GLY D 99 -37.39 12.26 8.22
N SER D 100 -36.37 12.03 7.40
CA SER D 100 -35.26 11.17 7.76
C SER D 100 -34.59 11.54 9.09
N ILE D 101 -34.35 10.54 9.93
CA ILE D 101 -33.70 10.76 11.22
C ILE D 101 -32.20 10.52 11.07
N GLY D 102 -31.76 10.31 9.84
CA GLY D 102 -30.34 10.05 9.59
C GLY D 102 -29.88 8.89 10.44
N GLY D 103 -28.75 9.07 11.12
CA GLY D 103 -28.24 8.03 11.99
C GLY D 103 -28.00 6.67 11.36
N GLY D 104 -28.64 5.65 11.91
CA GLY D 104 -28.48 4.29 11.43
C GLY D 104 -29.20 3.92 10.15
N THR D 105 -29.99 4.85 9.63
CA THR D 105 -30.72 4.61 8.40
C THR D 105 -29.77 4.83 7.22
N LEU D 106 -28.62 5.45 7.49
CA LEU D 106 -27.62 5.70 6.46
C LEU D 106 -28.17 6.56 5.32
N GLY D 107 -29.26 7.26 5.59
CA GLY D 107 -29.86 8.12 4.58
C GLY D 107 -30.61 7.41 3.46
N VAL D 108 -30.85 6.12 3.61
CA VAL D 108 -31.56 5.38 2.57
C VAL D 108 -32.83 4.66 3.03
N SER D 109 -33.13 4.71 4.32
CA SER D 109 -34.33 4.02 4.82
C SER D 109 -35.13 4.85 5.81
N ASP D 110 -36.31 4.35 6.17
CA ASP D 110 -37.14 5.03 7.15
C ASP D 110 -36.63 4.63 8.54
N THR D 111 -37.34 5.08 9.57
CA THR D 111 -36.94 4.79 10.94
C THR D 111 -36.88 3.30 11.26
N LYS D 112 -37.76 2.51 10.64
CA LYS D 112 -37.81 1.07 10.87
C LYS D 112 -36.64 0.38 10.17
N GLY D 113 -35.94 1.13 9.32
CA GLY D 113 -34.80 0.57 8.61
C GLY D 113 -35.13 0.02 7.24
N ALA D 114 -36.31 0.34 6.72
CA ALA D 114 -36.74 -0.15 5.43
C ALA D 114 -36.70 0.91 4.33
N GLY D 115 -36.50 0.46 3.09
CA GLY D 115 -36.45 1.34 1.95
C GLY D 115 -36.39 0.55 0.66
N HIS D 116 -36.34 1.24 -0.47
CA HIS D 116 -36.26 0.54 -1.76
C HIS D 116 -34.87 0.76 -2.32
N PHE D 117 -33.99 -0.22 -2.11
CA PHE D 117 -32.62 -0.11 -2.58
C PHE D 117 -31.83 -1.38 -2.30
N VAL D 118 -30.65 -1.44 -2.91
CA VAL D 118 -29.72 -2.53 -2.71
C VAL D 118 -28.40 -1.79 -2.51
N GLY D 119 -27.64 -2.19 -1.50
CA GLY D 119 -26.38 -1.51 -1.26
C GLY D 119 -25.33 -2.27 -0.47
N VAL D 120 -24.15 -1.67 -0.40
CA VAL D 120 -23.02 -2.20 0.34
C VAL D 120 -22.70 -1.10 1.34
N GLU D 121 -22.95 -1.36 2.61
CA GLU D 121 -22.69 -0.38 3.65
C GLU D 121 -21.35 -0.59 4.33
N PHE D 122 -20.79 0.51 4.80
CA PHE D 122 -19.53 0.57 5.53
C PHE D 122 -19.99 1.28 6.80
N ASP D 123 -20.51 0.45 7.70
CA ASP D 123 -21.11 0.85 8.95
C ASP D 123 -20.17 1.02 10.15
N THR D 124 -20.14 2.22 10.72
CA THR D 124 -19.25 2.50 11.85
C THR D 124 -19.89 2.65 13.24
N TYR D 125 -21.13 2.23 13.39
CA TYR D 125 -21.81 2.30 14.68
C TYR D 125 -22.81 1.16 14.78
N SER D 126 -22.89 0.52 15.95
CA SER D 126 -23.78 -0.63 16.12
C SER D 126 -25.19 -0.27 16.60
N ASN D 127 -26.15 -0.27 15.67
CA ASN D 127 -27.55 0.04 15.99
C ASN D 127 -28.31 -1.26 16.29
N SER D 128 -28.64 -1.49 17.57
CA SER D 128 -29.37 -2.70 17.95
C SER D 128 -30.74 -2.77 17.27
N GLU D 129 -31.37 -1.62 17.05
CA GLU D 129 -32.68 -1.58 16.41
C GLU D 129 -32.64 -2.15 14.98
N TYR D 130 -31.45 -2.23 14.40
CA TYR D 130 -31.31 -2.80 13.05
C TYR D 130 -30.45 -4.06 13.06
N ASN D 131 -30.33 -4.67 14.24
CA ASN D 131 -29.56 -5.89 14.42
C ASN D 131 -28.13 -5.83 13.87
N ASP D 132 -27.45 -4.70 14.07
CA ASP D 132 -26.08 -4.57 13.60
C ASP D 132 -25.17 -5.46 14.41
N PRO D 133 -24.05 -5.90 13.82
CA PRO D 133 -23.09 -6.76 14.52
C PRO D 133 -22.47 -5.87 15.59
N PRO D 134 -21.75 -6.46 16.56
CA PRO D 134 -21.13 -5.66 17.62
C PRO D 134 -20.05 -4.65 17.20
N THR D 135 -19.33 -4.95 16.12
CA THR D 135 -18.25 -4.08 15.65
C THR D 135 -18.49 -3.45 14.29
N ASP D 136 -17.53 -2.64 13.84
CA ASP D 136 -17.62 -2.01 12.53
C ASP D 136 -17.78 -3.15 11.53
N HIS D 137 -18.45 -2.89 10.42
CA HIS D 137 -18.66 -3.95 9.45
C HIS D 137 -19.09 -3.47 8.08
N VAL D 138 -18.92 -4.35 7.11
CA VAL D 138 -19.34 -4.08 5.75
C VAL D 138 -20.57 -4.98 5.63
N GLY D 139 -21.63 -4.47 5.02
CA GLY D 139 -22.83 -5.28 4.87
C GLY D 139 -23.48 -5.17 3.51
N ILE D 140 -24.24 -6.21 3.15
CA ILE D 140 -24.96 -6.24 1.89
C ILE D 140 -26.41 -6.02 2.27
N ASP D 141 -26.97 -4.91 1.80
CA ASP D 141 -28.34 -4.54 2.12
C ASP D 141 -29.30 -4.70 0.96
N VAL D 142 -30.48 -5.25 1.26
CA VAL D 142 -31.53 -5.41 0.27
C VAL D 142 -32.82 -4.86 0.88
N ASN D 143 -33.14 -3.61 0.53
CA ASN D 143 -34.33 -2.92 1.01
C ASN D 143 -34.38 -2.76 2.53
N SER D 144 -33.22 -2.83 3.19
CA SER D 144 -33.20 -2.71 4.64
C SER D 144 -31.80 -2.51 5.18
N VAL D 145 -31.66 -1.71 6.22
CA VAL D 145 -30.34 -1.51 6.82
C VAL D 145 -30.04 -2.66 7.77
N ASP D 146 -30.99 -3.59 7.87
CA ASP D 146 -30.81 -4.78 8.68
C ASP D 146 -30.22 -5.70 7.63
N SER D 147 -28.90 -5.62 7.48
CA SER D 147 -28.17 -6.38 6.47
C SER D 147 -28.53 -7.84 6.26
N VAL D 148 -28.51 -8.25 5.00
CA VAL D 148 -28.78 -9.63 4.63
C VAL D 148 -27.59 -10.43 5.14
N LYS D 149 -26.44 -9.76 5.18
CA LYS D 149 -25.19 -10.39 5.60
C LYS D 149 -24.16 -9.29 5.88
N THR D 150 -23.25 -9.56 6.82
CA THR D 150 -22.19 -8.62 7.18
C THR D 150 -20.89 -9.35 7.43
N VAL D 151 -19.79 -8.62 7.43
CA VAL D 151 -18.48 -9.18 7.70
C VAL D 151 -17.77 -8.18 8.60
N PRO D 152 -17.05 -8.67 9.63
CA PRO D 152 -16.34 -7.75 10.53
C PRO D 152 -15.34 -6.89 9.74
N TRP D 153 -15.21 -5.64 10.16
CA TRP D 153 -14.32 -4.71 9.48
C TRP D 153 -13.89 -3.67 10.51
N ASN D 154 -13.02 -2.74 10.10
CA ASN D 154 -12.55 -1.71 11.01
C ASN D 154 -12.38 -0.39 10.28
N SER D 155 -13.12 0.62 10.71
CA SER D 155 -13.03 1.93 10.07
C SER D 155 -11.91 2.75 10.70
N VAL D 156 -10.85 2.98 9.94
CA VAL D 156 -9.73 3.75 10.44
C VAL D 156 -9.86 5.23 10.12
N SER D 157 -9.91 6.05 11.15
CA SER D 157 -10.04 7.50 11.00
C SER D 157 -8.91 8.11 10.17
N GLY D 158 -9.28 8.84 9.12
CA GLY D 158 -8.30 9.49 8.27
C GLY D 158 -7.65 8.59 7.24
N ALA D 159 -8.07 7.33 7.21
CA ALA D 159 -7.51 6.38 6.26
C ALA D 159 -8.30 6.30 4.97
N VAL D 160 -7.57 6.28 3.85
CA VAL D 160 -8.18 6.18 2.53
C VAL D 160 -8.47 4.69 2.29
N VAL D 161 -9.70 4.39 1.93
CA VAL D 161 -10.11 3.01 1.69
C VAL D 161 -10.51 2.79 0.23
N LYS D 162 -10.07 1.66 -0.33
CA LYS D 162 -10.41 1.33 -1.71
C LYS D 162 -11.39 0.16 -1.71
N VAL D 163 -12.36 0.22 -2.61
CA VAL D 163 -13.37 -0.84 -2.71
C VAL D 163 -13.56 -1.23 -4.17
N THR D 164 -13.75 -2.52 -4.39
CA THR D 164 -14.00 -3.02 -5.72
C THR D 164 -15.23 -3.90 -5.60
N VAL D 165 -16.19 -3.68 -6.50
CA VAL D 165 -17.42 -4.44 -6.49
C VAL D 165 -17.70 -5.05 -7.85
N ILE D 166 -18.05 -6.33 -7.84
CA ILE D 166 -18.38 -7.03 -9.06
C ILE D 166 -19.76 -7.65 -8.95
N TYR D 167 -20.61 -7.39 -9.92
CA TYR D 167 -21.91 -8.03 -9.90
C TYR D 167 -21.95 -8.94 -11.12
N ASP D 168 -22.06 -10.24 -10.89
CA ASP D 168 -22.13 -11.20 -11.99
C ASP D 168 -23.61 -11.52 -12.19
N SER D 169 -24.17 -11.13 -13.33
CA SER D 169 -25.59 -11.35 -13.58
C SER D 169 -26.07 -12.80 -13.65
N SER D 170 -25.28 -13.69 -14.25
CA SER D 170 -25.69 -15.09 -14.37
C SER D 170 -25.87 -15.78 -13.02
N THR D 171 -24.97 -15.52 -12.08
CA THR D 171 -25.07 -16.12 -10.76
C THR D 171 -25.75 -15.17 -9.79
N LYS D 172 -26.08 -13.98 -10.25
CA LYS D 172 -26.74 -12.97 -9.41
C LYS D 172 -25.94 -12.72 -8.14
N THR D 173 -24.63 -12.83 -8.26
CA THR D 173 -23.73 -12.65 -7.12
C THR D 173 -23.09 -11.26 -7.07
N LEU D 174 -23.15 -10.66 -5.89
CA LEU D 174 -22.55 -9.36 -5.65
C LEU D 174 -21.34 -9.61 -4.74
N SER D 175 -20.14 -9.36 -5.27
CA SER D 175 -18.90 -9.56 -4.51
C SER D 175 -18.21 -8.24 -4.20
N VAL D 176 -17.76 -8.10 -2.96
CA VAL D 176 -17.10 -6.87 -2.51
C VAL D 176 -15.72 -7.16 -1.92
N ALA D 177 -14.75 -6.32 -2.26
CA ALA D 177 -13.38 -6.44 -1.75
C ALA D 177 -12.94 -5.06 -1.27
N VAL D 178 -12.72 -4.94 0.05
CA VAL D 178 -12.32 -3.69 0.66
C VAL D 178 -10.83 -3.73 1.02
N THR D 179 -10.08 -2.74 0.56
CA THR D 179 -8.63 -2.66 0.82
C THR D 179 -8.34 -1.68 1.95
N ASN D 180 -8.06 -2.24 3.13
CA ASN D 180 -7.78 -1.46 4.33
C ASN D 180 -6.43 -0.74 4.39
N ASP D 181 -6.23 -0.04 5.49
CA ASP D 181 -5.04 0.74 5.75
C ASP D 181 -3.85 -0.16 6.09
N ASN D 182 -4.09 -1.11 7.00
CA ASN D 182 -3.03 -2.03 7.42
C ASN D 182 -2.59 -2.97 6.29
N GLY D 183 -3.23 -2.85 5.13
CA GLY D 183 -2.88 -3.69 3.99
C GLY D 183 -3.82 -4.85 3.73
N ASP D 184 -4.50 -5.31 4.77
CA ASP D 184 -5.43 -6.43 4.64
C ASP D 184 -6.65 -6.11 3.78
N ILE D 185 -7.21 -7.14 3.16
CA ILE D 185 -8.41 -6.98 2.36
C ILE D 185 -9.51 -7.66 3.14
N THR D 186 -10.73 -7.16 2.96
CA THR D 186 -11.90 -7.71 3.63
C THR D 186 -12.88 -7.98 2.51
N THR D 187 -13.44 -9.19 2.45
CA THR D 187 -14.40 -9.48 1.40
C THR D 187 -15.73 -9.99 1.94
N ILE D 188 -16.76 -9.84 1.12
CA ILE D 188 -18.10 -10.31 1.43
C ILE D 188 -18.83 -10.46 0.10
N ALA D 189 -19.57 -11.54 -0.05
CA ALA D 189 -20.32 -11.80 -1.27
C ALA D 189 -21.69 -12.34 -0.93
N GLN D 190 -22.66 -12.02 -1.77
CA GLN D 190 -24.02 -12.46 -1.54
C GLN D 190 -24.83 -12.46 -2.82
N VAL D 191 -25.68 -13.48 -2.95
CA VAL D 191 -26.56 -13.60 -4.10
C VAL D 191 -27.72 -12.63 -3.88
N VAL D 192 -27.87 -11.69 -4.81
CA VAL D 192 -28.96 -10.72 -4.75
C VAL D 192 -29.49 -10.60 -6.18
N ASP D 193 -30.78 -10.90 -6.33
CA ASP D 193 -31.45 -10.85 -7.63
C ASP D 193 -31.86 -9.40 -7.92
N LEU D 194 -30.96 -8.64 -8.55
CA LEU D 194 -31.26 -7.25 -8.85
C LEU D 194 -32.53 -7.07 -9.65
N LYS D 195 -32.75 -7.93 -10.63
CA LYS D 195 -33.93 -7.82 -11.47
C LYS D 195 -35.23 -7.97 -10.68
N ALA D 196 -35.19 -8.79 -9.63
CA ALA D 196 -36.38 -9.00 -8.81
C ALA D 196 -36.56 -7.93 -7.74
N LYS D 197 -35.48 -7.24 -7.39
CA LYS D 197 -35.54 -6.24 -6.32
C LYS D 197 -35.58 -4.78 -6.79
N LEU D 198 -35.08 -4.53 -7.99
CA LEU D 198 -35.03 -3.18 -8.53
C LEU D 198 -35.68 -3.06 -9.90
N PRO D 199 -36.16 -1.85 -10.25
CA PRO D 199 -36.81 -1.61 -11.55
C PRO D 199 -35.78 -1.59 -12.68
N GLU D 200 -36.29 -1.62 -13.92
CA GLU D 200 -35.44 -1.60 -15.13
C GLU D 200 -34.32 -0.56 -15.13
N ARG D 201 -34.66 0.67 -14.75
CA ARG D 201 -33.69 1.76 -14.71
C ARG D 201 -33.48 2.15 -13.27
N VAL D 202 -32.23 2.40 -12.90
CA VAL D 202 -31.90 2.79 -11.53
C VAL D 202 -30.78 3.80 -11.53
N LYS D 203 -30.52 4.36 -10.35
CA LYS D 203 -29.41 5.29 -10.19
C LYS D 203 -28.49 4.69 -9.14
N PHE D 204 -27.18 4.83 -9.36
CA PHE D 204 -26.16 4.36 -8.43
C PHE D 204 -25.63 5.59 -7.70
N GLY D 205 -25.20 5.39 -6.46
CA GLY D 205 -24.67 6.51 -5.69
C GLY D 205 -24.16 6.15 -4.31
N PHE D 206 -23.93 7.17 -3.50
CA PHE D 206 -23.45 7.00 -2.14
C PHE D 206 -24.29 7.84 -1.20
N SER D 207 -24.42 7.38 0.02
CA SER D 207 -25.19 8.09 1.02
C SER D 207 -24.48 7.92 2.37
N ALA D 208 -24.62 8.92 3.23
CA ALA D 208 -24.02 8.87 4.56
C ALA D 208 -24.94 9.68 5.45
N SER D 209 -24.92 9.37 6.75
CA SER D 209 -25.76 10.09 7.69
C SER D 209 -25.11 10.24 9.06
N GLY D 210 -25.74 11.05 9.89
CA GLY D 210 -25.25 11.29 11.23
C GLY D 210 -26.44 11.62 12.11
N SER D 211 -26.25 11.65 13.43
CA SER D 211 -27.33 11.97 14.34
C SER D 211 -27.00 13.21 15.18
N LEU D 212 -27.58 13.30 16.37
CA LEU D 212 -27.32 14.42 17.26
C LEU D 212 -25.88 14.34 17.75
N GLY D 213 -25.54 13.21 18.36
CA GLY D 213 -24.19 13.03 18.86
C GLY D 213 -23.26 12.23 17.95
N GLY D 214 -23.85 11.54 16.98
CA GLY D 214 -23.04 10.74 16.07
C GLY D 214 -22.72 11.51 14.80
N ARG D 215 -21.45 11.84 14.61
CA ARG D 215 -21.04 12.58 13.43
C ARG D 215 -19.57 12.32 13.12
N GLN D 216 -19.24 12.36 11.84
CA GLN D 216 -17.87 12.16 11.40
C GLN D 216 -17.81 12.59 9.95
N ILE D 217 -16.60 12.75 9.43
CA ILE D 217 -16.43 13.14 8.05
C ILE D 217 -16.60 11.92 7.14
N HIS D 218 -17.47 12.06 6.13
CA HIS D 218 -17.71 11.00 5.16
C HIS D 218 -17.33 11.56 3.79
N LEU D 219 -16.24 11.06 3.22
CA LEU D 219 -15.78 11.56 1.92
C LEU D 219 -15.69 10.53 0.82
N ILE D 220 -16.07 10.94 -0.38
CA ILE D 220 -15.97 10.09 -1.56
C ILE D 220 -14.85 10.76 -2.34
N ARG D 221 -13.78 10.02 -2.60
CA ARG D 221 -12.63 10.58 -3.30
C ARG D 221 -12.58 10.27 -4.79
N SER D 222 -12.93 9.04 -5.17
CA SER D 222 -12.94 8.67 -6.57
C SER D 222 -14.00 7.60 -6.82
N TRP D 223 -14.30 7.35 -8.09
CA TRP D 223 -15.34 6.37 -8.43
C TRP D 223 -15.36 6.06 -9.92
N SER D 224 -15.10 4.80 -10.26
CA SER D 224 -15.11 4.35 -11.64
C SER D 224 -16.21 3.30 -11.74
N PHE D 225 -16.85 3.21 -12.89
CA PHE D 225 -17.94 2.26 -13.06
C PHE D 225 -18.14 1.82 -14.49
N THR D 226 -18.49 0.56 -14.67
CA THR D 226 -18.79 0.01 -15.98
C THR D 226 -19.84 -1.07 -15.82
N SER D 227 -20.95 -0.92 -16.54
CA SER D 227 -22.01 -1.92 -16.52
C SER D 227 -22.24 -2.29 -17.98
N THR D 228 -22.55 -3.56 -18.21
CA THR D 228 -22.79 -4.04 -19.56
C THR D 228 -24.01 -4.92 -19.59
N LEU D 229 -24.98 -4.54 -20.41
CA LEU D 229 -26.22 -5.29 -20.57
C LEU D 229 -26.21 -5.95 -21.94
N ILE D 230 -26.34 -7.27 -21.96
CA ILE D 230 -26.35 -8.01 -23.22
C ILE D 230 -27.71 -7.89 -23.91
N THR D 231 -27.67 -7.44 -25.17
CA THR D 231 -28.89 -7.27 -25.96
C THR D 231 -28.82 -8.02 -27.29
N THR D 232 -28.32 -9.25 -27.25
CA THR D 232 -28.22 -10.04 -28.47
C THR D 232 -29.06 -11.31 -28.37
#